data_8HE8
#
_entry.id   8HE8
#
_cell.length_a   41.113
_cell.length_b   103.362
_cell.length_c   134.925
_cell.angle_alpha   90.000
_cell.angle_beta   92.040
_cell.angle_gamma   90.000
#
_symmetry.space_group_name_H-M   'P 1 21 1'
#
loop_
_entity.id
_entity.type
_entity.pdbx_description
1 polymer 'Poly [ADP-ribose] polymerase 2'
2 non-polymer GLYCEROL
3 non-polymer 1-[[4-fluoranyl-3-(3-oxidanylidene-4-pentan-3-yl-piperazin-1-yl)carbonyl-phenyl]methyl]quinazoline-2,4-dione
4 water water
#
_entity_poly.entity_id   1
_entity_poly.type   'polypeptide(L)'
_entity_poly.pdbx_seq_one_letter_code
;ESQLDLRVQELIKLICNVQAMEEMMMEMKYNTKKAPLGKLTVAQIKAGYQSLKKIEDCIRAGQHGRALMEACNEFYTRIP
HDFGLRTPPLIRTQKELSEKIQLLEALGDIEIAIKLVKSERQGLEHPLDQHYRNLHCALRPLDHESYEFKVISQYLQSTH
APTHSDYTMTLLDLFEVEKDGEKEAFREDLHNRMLLWHGSRMSNWVGILSHGLRIAPPEAPITGYMFGKGIYFADMSSKS
ANYCFASRLKNTGLLLLSEVALGQCNELLEANPKAEGLLQGKHSTKGLGKMAPSSAHFVTLNGSTVPLGPASDTGILNPD
GYTLNYNEYIVYNPNQVRMRYLLKVQFNFLQ
;
_entity_poly.pdbx_strand_id   A,B,C
#
# COMPACT_ATOMS: atom_id res chain seq x y z
N GLU A 1 23.31 -6.99 13.19
CA GLU A 1 23.53 -6.38 14.50
C GLU A 1 22.34 -6.59 15.42
N SER A 2 21.34 -5.72 15.27
CA SER A 2 20.12 -5.76 16.06
C SER A 2 18.97 -5.27 15.19
N GLN A 3 17.91 -6.08 15.10
CA GLN A 3 16.87 -5.81 14.10
C GLN A 3 15.48 -5.78 14.72
N LEU A 4 14.59 -6.64 14.23
CA LEU A 4 13.18 -6.60 14.58
C LEU A 4 12.62 -8.01 14.60
N ASP A 5 11.30 -8.13 14.76
CA ASP A 5 10.65 -9.42 14.88
C ASP A 5 11.03 -10.34 13.72
N LEU A 6 11.23 -11.62 14.04
CA LEU A 6 11.72 -12.57 13.04
C LEU A 6 10.71 -12.77 11.91
N ARG A 7 9.42 -12.57 12.19
CA ARG A 7 8.42 -12.69 11.14
C ARG A 7 8.42 -11.49 10.21
N VAL A 8 8.89 -10.33 10.68
CA VAL A 8 8.96 -9.16 9.80
C VAL A 8 10.20 -9.23 8.91
N GLN A 9 11.32 -9.72 9.46
CA GLN A 9 12.50 -9.93 8.63
C GLN A 9 12.19 -10.85 7.46
N GLU A 10 11.37 -11.88 7.71
CA GLU A 10 10.98 -12.80 6.65
C GLU A 10 10.08 -12.11 5.63
N LEU A 11 9.28 -11.14 6.07
CA LEU A 11 8.49 -10.35 5.12
C LEU A 11 9.36 -9.45 4.28
N ILE A 12 10.21 -8.64 4.93
CA ILE A 12 11.12 -7.75 4.20
C ILE A 12 12.00 -8.54 3.25
N LYS A 13 12.49 -9.71 3.70
CA LYS A 13 13.31 -10.57 2.84
C LYS A 13 12.58 -10.94 1.57
N LEU A 14 11.31 -11.32 1.69
CA LEU A 14 10.56 -11.81 0.55
C LEU A 14 10.31 -10.71 -0.48
N ILE A 15 9.95 -9.51 -0.03
CA ILE A 15 9.55 -8.46 -0.95
C ILE A 15 10.73 -7.65 -1.49
N CYS A 16 11.87 -7.65 -0.80
CA CYS A 16 13.06 -6.97 -1.27
C CYS A 16 14.00 -7.89 -2.05
N ASN A 17 13.51 -9.05 -2.46
CA ASN A 17 14.30 -9.99 -3.25
C ASN A 17 14.22 -9.57 -4.72
N VAL A 18 15.31 -9.03 -5.26
CA VAL A 18 15.32 -8.61 -6.64
C VAL A 18 15.59 -9.77 -7.59
N GLN A 19 16.21 -10.85 -7.11
CA GLN A 19 16.39 -12.04 -7.92
C GLN A 19 15.05 -12.60 -8.37
N ALA A 20 14.10 -12.72 -7.44
CA ALA A 20 12.74 -13.13 -7.80
C ALA A 20 12.08 -12.11 -8.72
N MET A 21 12.41 -10.83 -8.56
CA MET A 21 11.92 -9.82 -9.48
C MET A 21 12.45 -10.07 -10.88
N GLU A 22 13.76 -10.32 -10.99
CA GLU A 22 14.37 -10.57 -12.29
C GLU A 22 13.77 -11.78 -12.99
N GLU A 23 13.15 -12.69 -12.24
CA GLU A 23 12.55 -13.89 -12.80
C GLU A 23 11.10 -13.67 -13.22
N MET A 24 10.32 -13.00 -12.37
CA MET A 24 8.94 -12.68 -12.72
C MET A 24 8.86 -11.93 -14.03
N MET A 25 9.87 -11.11 -14.33
CA MET A 25 9.85 -10.34 -15.57
C MET A 25 10.12 -11.22 -16.78
N MET A 26 10.97 -12.24 -16.64
CA MET A 26 11.22 -13.14 -17.74
C MET A 26 10.01 -14.03 -18.02
N GLU A 27 9.24 -14.37 -16.98
CA GLU A 27 8.01 -15.12 -17.18
C GLU A 27 6.95 -14.27 -17.87
N MET A 28 7.05 -12.95 -17.76
CA MET A 28 6.28 -12.02 -18.58
C MET A 28 7.02 -11.66 -19.86
N LYS A 29 8.12 -12.34 -20.16
CA LYS A 29 8.84 -12.25 -21.43
C LYS A 29 9.49 -10.89 -21.63
N TYR A 30 10.01 -10.31 -20.56
CA TYR A 30 10.71 -9.02 -20.62
C TYR A 30 12.21 -9.28 -20.61
N ASN A 31 12.91 -8.80 -21.63
CA ASN A 31 14.35 -8.99 -21.75
C ASN A 31 15.04 -8.18 -20.66
N THR A 32 15.36 -8.84 -19.55
CA THR A 32 16.07 -8.19 -18.46
C THR A 32 17.55 -8.00 -18.75
N LYS A 33 18.10 -8.67 -19.77
CA LYS A 33 19.50 -8.46 -20.13
C LYS A 33 19.65 -7.25 -21.04
N LYS A 34 18.76 -7.09 -22.02
CA LYS A 34 18.81 -5.92 -22.89
C LYS A 34 18.61 -4.64 -22.10
N ALA A 35 17.73 -4.67 -21.10
CA ALA A 35 17.48 -3.52 -20.23
C ALA A 35 17.48 -4.02 -18.79
N PRO A 36 18.62 -3.96 -18.11
CA PRO A 36 18.67 -4.38 -16.71
C PRO A 36 17.72 -3.57 -15.85
N LEU A 37 17.03 -4.26 -14.94
CA LEU A 37 16.06 -3.60 -14.06
C LEU A 37 16.73 -2.54 -13.20
N GLY A 38 18.04 -2.63 -12.98
CA GLY A 38 18.73 -1.56 -12.27
C GLY A 38 18.68 -0.24 -13.01
N LYS A 39 18.84 -0.27 -14.32
CA LYS A 39 18.71 0.93 -15.15
C LYS A 39 17.30 1.01 -15.73
N LEU A 40 16.33 1.00 -14.81
CA LEU A 40 14.93 1.24 -15.12
C LEU A 40 14.58 2.67 -14.74
N THR A 41 13.87 3.36 -15.63
CA THR A 41 13.54 4.76 -15.42
C THR A 41 12.05 4.98 -15.62
N VAL A 42 11.48 5.87 -14.82
CA VAL A 42 10.07 6.23 -14.96
C VAL A 42 9.80 6.84 -16.33
N ALA A 43 10.82 7.40 -16.97
CA ALA A 43 10.64 7.97 -18.30
C ALA A 43 10.42 6.88 -19.34
N GLN A 44 11.17 5.78 -19.24
CA GLN A 44 10.96 4.67 -20.16
C GLN A 44 9.63 3.97 -19.89
N ILE A 45 9.24 3.90 -18.61
CA ILE A 45 7.94 3.31 -18.27
C ILE A 45 6.81 4.22 -18.75
N LYS A 46 6.95 5.52 -18.57
CA LYS A 46 6.02 6.47 -19.18
C LYS A 46 5.94 6.27 -20.69
N ALA A 47 7.11 6.15 -21.33
CA ALA A 47 7.14 6.03 -22.79
C ALA A 47 6.42 4.77 -23.26
N GLY A 48 6.52 3.69 -22.48
CA GLY A 48 5.79 2.48 -22.83
C GLY A 48 4.30 2.63 -22.65
N TYR A 49 3.87 3.33 -21.59
CA TYR A 49 2.45 3.60 -21.40
C TYR A 49 1.89 4.41 -22.57
N GLN A 50 2.62 5.43 -23.00
CA GLN A 50 2.18 6.23 -24.14
C GLN A 50 2.00 5.38 -25.38
N SER A 51 2.98 4.51 -25.65
CA SER A 51 2.88 3.65 -26.83
C SER A 51 1.73 2.68 -26.72
N LEU A 52 1.38 2.26 -25.50
CA LEU A 52 0.20 1.42 -25.33
C LEU A 52 -1.07 2.19 -25.66
N LYS A 53 -1.12 3.47 -25.31
CA LYS A 53 -2.27 4.29 -25.68
C LYS A 53 -2.33 4.50 -27.19
N LYS A 54 -1.17 4.68 -27.82
CA LYS A 54 -1.11 4.71 -29.28
C LYS A 54 -1.69 3.43 -29.88
N ILE A 55 -1.28 2.27 -29.36
CA ILE A 55 -1.84 1.01 -29.82
C ILE A 55 -3.35 1.00 -29.63
N GLU A 56 -3.82 1.46 -28.46
CA GLU A 56 -5.26 1.53 -28.22
C GLU A 56 -5.92 2.46 -29.23
N ASP A 57 -5.29 3.60 -29.52
CA ASP A 57 -5.87 4.56 -30.47
C ASP A 57 -6.14 3.90 -31.81
N CYS A 58 -5.25 3.01 -32.26
CA CYS A 58 -5.45 2.34 -33.53
C CYS A 58 -6.56 1.30 -33.44
N ILE A 59 -6.67 0.61 -32.30
CA ILE A 59 -7.69 -0.42 -32.14
C ILE A 59 -9.09 0.22 -32.12
N ARG A 60 -9.29 1.16 -31.20
CA ARG A 60 -10.61 1.75 -31.04
C ARG A 60 -11.06 2.53 -32.27
N ALA A 61 -10.10 3.04 -33.06
CA ALA A 61 -10.42 3.78 -34.27
C ALA A 61 -10.48 2.89 -35.52
N GLY A 62 -10.49 1.57 -35.36
CA GLY A 62 -10.47 0.65 -36.48
C GLY A 62 -9.26 0.74 -37.38
N GLN A 63 -8.35 1.69 -37.14
CA GLN A 63 -7.13 1.81 -37.91
C GLN A 63 -6.18 0.67 -37.52
N HIS A 64 -6.48 -0.52 -38.02
CA HIS A 64 -5.57 -1.63 -37.82
C HIS A 64 -4.38 -1.44 -38.76
N GLY A 65 -4.09 -2.43 -39.60
CA GLY A 65 -3.06 -2.23 -40.61
C GLY A 65 -1.72 -1.84 -40.02
N ARG A 66 -1.04 -0.92 -40.70
CA ARG A 66 0.34 -0.59 -40.33
C ARG A 66 0.39 0.29 -39.09
N ALA A 67 -0.54 1.24 -38.96
CA ALA A 67 -0.51 2.16 -37.81
C ALA A 67 -0.50 1.41 -36.50
N LEU A 68 -1.17 0.25 -36.44
CA LEU A 68 -1.07 -0.61 -35.27
C LEU A 68 0.32 -1.21 -35.16
N MET A 69 0.82 -1.81 -36.25
CA MET A 69 2.13 -2.44 -36.23
C MET A 69 3.23 -1.41 -35.97
N GLU A 70 3.05 -0.18 -36.45
CA GLU A 70 4.02 0.87 -36.15
C GLU A 70 4.04 1.21 -34.66
N ALA A 71 2.87 1.15 -34.01
CA ALA A 71 2.81 1.45 -32.58
C ALA A 71 3.35 0.30 -31.75
N CYS A 72 2.97 -0.94 -32.09
CA CYS A 72 3.56 -2.10 -31.41
C CYS A 72 5.07 -2.14 -31.60
N ASN A 73 5.54 -1.82 -32.82
CA ASN A 73 6.97 -1.78 -33.08
C ASN A 73 7.65 -0.76 -32.17
N GLU A 74 7.00 0.37 -31.93
CA GLU A 74 7.56 1.37 -31.02
C GLU A 74 7.55 0.87 -29.58
N PHE A 75 6.41 0.31 -29.14
CA PHE A 75 6.31 -0.21 -27.77
C PHE A 75 7.32 -1.31 -27.54
N TYR A 76 7.43 -2.25 -28.47
CA TYR A 76 8.39 -3.35 -28.33
C TYR A 76 9.84 -2.86 -28.37
N THR A 77 10.09 -1.71 -28.99
CA THR A 77 11.44 -1.16 -28.99
C THR A 77 11.78 -0.55 -27.64
N ARG A 78 10.91 0.29 -27.09
CA ARG A 78 11.21 0.94 -25.83
C ARG A 78 11.00 0.00 -24.64
N ILE A 79 10.11 -0.99 -24.77
CA ILE A 79 9.93 -2.02 -23.75
C ILE A 79 10.42 -3.34 -24.34
N PRO A 80 11.68 -3.72 -24.12
CA PRO A 80 12.23 -4.89 -24.80
C PRO A 80 11.66 -6.21 -24.29
N HIS A 81 10.93 -6.91 -25.16
CA HIS A 81 10.46 -8.24 -24.87
C HIS A 81 11.47 -9.28 -25.35
N ASP A 82 11.22 -10.54 -24.96
CA ASP A 82 12.07 -11.66 -25.40
C ASP A 82 11.15 -12.85 -25.68
N PHE A 83 10.68 -12.94 -26.92
CA PHE A 83 10.00 -14.13 -27.40
C PHE A 83 10.95 -15.11 -28.07
N GLY A 84 12.24 -14.76 -28.18
CA GLY A 84 13.22 -15.65 -28.75
C GLY A 84 13.13 -15.81 -30.25
N LEU A 85 12.41 -16.84 -30.69
CA LEU A 85 12.53 -17.30 -32.08
C LEU A 85 11.65 -16.52 -33.04
N ARG A 86 10.48 -16.08 -32.59
CA ARG A 86 9.50 -15.46 -33.48
C ARG A 86 9.46 -13.94 -33.30
N THR A 87 8.86 -13.29 -34.30
CA THR A 87 8.59 -11.86 -34.19
C THR A 87 7.62 -11.62 -33.03
N PRO A 88 7.87 -10.61 -32.20
CA PRO A 88 6.91 -10.30 -31.11
C PRO A 88 5.53 -10.03 -31.68
N PRO A 89 4.49 -10.65 -31.12
CA PRO A 89 3.17 -10.56 -31.73
C PRO A 89 2.56 -9.17 -31.55
N LEU A 90 1.62 -8.86 -32.45
CA LEU A 90 0.87 -7.63 -32.32
C LEU A 90 0.00 -7.65 -31.07
N ILE A 91 -0.44 -6.47 -30.66
CA ILE A 91 -1.40 -6.31 -29.58
C ILE A 91 -2.69 -5.82 -30.21
N ARG A 92 -3.65 -6.73 -30.36
CA ARG A 92 -4.88 -6.43 -31.10
C ARG A 92 -6.15 -6.61 -30.28
N THR A 93 -6.03 -6.99 -29.00
CA THR A 93 -7.19 -7.08 -28.12
C THR A 93 -6.88 -6.33 -26.83
N GLN A 94 -7.93 -6.10 -26.04
CA GLN A 94 -7.73 -5.47 -24.74
C GLN A 94 -7.08 -6.42 -23.75
N LYS A 95 -7.20 -7.73 -23.97
CA LYS A 95 -6.52 -8.69 -23.09
C LYS A 95 -5.01 -8.53 -23.20
N GLU A 96 -4.50 -8.27 -24.41
CA GLU A 96 -3.06 -8.11 -24.60
C GLU A 96 -2.58 -6.77 -24.05
N LEU A 97 -3.40 -5.72 -24.21
CA LEU A 97 -3.09 -4.45 -23.57
C LEU A 97 -3.08 -4.59 -22.05
N SER A 98 -4.13 -5.21 -21.50
CA SER A 98 -4.22 -5.38 -20.06
C SER A 98 -3.11 -6.28 -19.51
N GLU A 99 -2.53 -7.14 -20.35
CA GLU A 99 -1.37 -7.92 -19.93
C GLU A 99 -0.11 -7.07 -19.94
N LYS A 100 0.08 -6.27 -20.99
CA LYS A 100 1.22 -5.36 -21.04
C LYS A 100 1.14 -4.29 -19.97
N ILE A 101 -0.07 -3.93 -19.54
CA ILE A 101 -0.22 -2.97 -18.46
C ILE A 101 0.35 -3.53 -17.17
N GLN A 102 0.14 -4.83 -16.92
CA GLN A 102 0.68 -5.47 -15.73
C GLN A 102 2.20 -5.51 -15.77
N LEU A 103 2.77 -5.86 -16.94
CA LEU A 103 4.22 -5.78 -17.10
C LEU A 103 4.73 -4.40 -16.74
N LEU A 104 4.14 -3.36 -17.32
CA LEU A 104 4.53 -1.99 -17.00
C LEU A 104 4.27 -1.68 -15.53
N GLU A 105 3.10 -2.12 -15.01
CA GLU A 105 2.80 -1.92 -13.60
C GLU A 105 3.86 -2.55 -12.72
N ALA A 106 4.17 -3.82 -12.96
CA ALA A 106 5.22 -4.48 -12.19
C ALA A 106 6.57 -3.82 -12.45
N LEU A 107 6.85 -3.49 -13.71
CA LEU A 107 8.10 -2.80 -14.04
C LEU A 107 8.20 -1.44 -13.36
N GLY A 108 7.08 -0.86 -12.95
CA GLY A 108 7.10 0.39 -12.21
C GLY A 108 7.44 0.20 -10.76
N ASP A 109 6.82 -0.80 -10.11
CA ASP A 109 7.12 -1.07 -8.73
C ASP A 109 8.50 -1.69 -8.54
N ILE A 110 9.11 -2.22 -9.61
CA ILE A 110 10.48 -2.69 -9.50
C ILE A 110 11.45 -1.51 -9.45
N GLU A 111 11.15 -0.42 -10.15
CA GLU A 111 11.93 0.80 -10.00
C GLU A 111 11.89 1.30 -8.57
N ILE A 112 10.70 1.34 -7.98
CA ILE A 112 10.53 1.80 -6.61
C ILE A 112 11.29 0.88 -5.65
N ALA A 113 11.24 -0.43 -5.89
CA ALA A 113 11.89 -1.38 -5.00
C ALA A 113 13.40 -1.26 -5.08
N ILE A 114 13.96 -1.22 -6.29
CA ILE A 114 15.40 -1.12 -6.43
C ILE A 114 15.89 0.24 -5.91
N LYS A 115 15.14 1.30 -6.16
CA LYS A 115 15.49 2.60 -5.61
C LYS A 115 15.55 2.56 -4.09
N LEU A 116 14.53 1.97 -3.47
CA LEU A 116 14.46 1.92 -2.01
C LEU A 116 15.55 1.03 -1.43
N VAL A 117 15.76 -0.15 -2.01
CA VAL A 117 16.77 -1.07 -1.51
C VAL A 117 18.17 -0.52 -1.76
N LYS A 118 18.33 0.39 -2.71
CA LYS A 118 19.61 1.03 -2.98
C LYS A 118 19.81 2.32 -2.19
N SER A 119 18.99 2.55 -1.16
CA SER A 119 19.04 3.81 -0.43
C SER A 119 20.21 3.87 0.54
N GLU A 120 19.97 4.38 1.74
CA GLU A 120 21.03 4.60 2.73
C GLU A 120 21.85 3.33 2.93
N ARG A 121 23.17 3.50 3.05
CA ARG A 121 24.08 2.41 3.35
C ARG A 121 24.61 2.52 4.78
N GLN A 122 23.80 3.10 5.66
CA GLN A 122 24.12 3.34 7.06
C GLN A 122 24.80 2.14 7.71
N GLY A 123 25.99 2.37 8.26
CA GLY A 123 26.70 1.32 8.99
C GLY A 123 26.05 0.97 10.31
N LEU A 124 25.19 1.83 10.82
CA LEU A 124 24.46 1.62 12.07
C LEU A 124 23.00 1.32 11.75
N GLU A 125 22.78 0.18 11.10
CA GLU A 125 21.44 -0.31 10.75
C GLU A 125 21.57 -1.58 9.92
N HIS A 126 21.03 -2.69 10.42
CA HIS A 126 21.04 -3.92 9.65
C HIS A 126 20.22 -3.74 8.38
N PRO A 127 20.66 -4.29 7.25
CA PRO A 127 19.99 -3.97 5.96
C PRO A 127 18.48 -4.14 5.97
N LEU A 128 17.96 -5.18 6.65
CA LEU A 128 16.52 -5.37 6.71
C LEU A 128 15.82 -4.35 7.59
N ASP A 129 16.57 -3.57 8.37
CA ASP A 129 15.99 -2.48 9.14
C ASP A 129 15.98 -1.17 8.36
N GLN A 130 16.91 -1.01 7.42
CA GLN A 130 16.90 0.17 6.57
C GLN A 130 15.72 0.13 5.62
N HIS A 131 15.55 -0.99 4.93
CA HIS A 131 14.40 -1.19 4.05
C HIS A 131 13.10 -0.92 4.78
N TYR A 132 12.93 -1.53 5.95
CA TYR A 132 11.72 -1.31 6.74
C TYR A 132 11.53 0.17 7.06
N ARG A 133 12.62 0.89 7.32
CA ARG A 133 12.51 2.33 7.59
C ARG A 133 12.11 3.09 6.33
N ASN A 134 12.80 2.83 5.21
CA ASN A 134 12.47 3.49 3.96
C ASN A 134 11.07 3.15 3.46
N LEU A 135 10.47 2.07 3.97
CA LEU A 135 9.09 1.76 3.62
C LEU A 135 8.12 2.78 4.20
N HIS A 136 8.41 3.28 5.40
CA HIS A 136 7.52 4.20 6.12
C HIS A 136 6.11 3.60 6.25
N CYS A 137 6.06 2.39 6.79
CA CYS A 137 4.80 1.66 6.89
C CYS A 137 4.95 0.60 7.95
N ALA A 138 4.20 0.72 9.04
CA ALA A 138 4.31 -0.24 10.13
C ALA A 138 3.81 -1.60 9.70
N LEU A 139 4.50 -2.65 10.15
CA LEU A 139 4.13 -4.05 9.87
C LEU A 139 4.36 -4.82 11.17
N ARG A 140 3.31 -4.89 12.00
CA ARG A 140 3.43 -5.52 13.32
C ARG A 140 2.62 -6.81 13.37
N PRO A 141 3.26 -7.94 13.70
CA PRO A 141 2.56 -9.23 13.64
C PRO A 141 1.54 -9.39 14.76
N LEU A 142 0.50 -10.17 14.47
CA LEU A 142 -0.59 -10.41 15.38
C LEU A 142 -0.54 -11.84 15.91
N ASP A 143 -0.99 -12.01 17.16
CA ASP A 143 -1.03 -13.33 17.76
C ASP A 143 -2.00 -14.23 17.01
N HIS A 144 -1.64 -15.50 16.87
CA HIS A 144 -2.52 -16.43 16.16
C HIS A 144 -3.81 -16.72 16.93
N GLU A 145 -3.86 -16.39 18.22
CA GLU A 145 -5.09 -16.45 19.00
C GLU A 145 -5.75 -15.10 19.16
N SER A 146 -5.34 -14.11 18.38
CA SER A 146 -5.87 -12.76 18.51
C SER A 146 -7.24 -12.66 17.86
N TYR A 147 -8.04 -11.70 18.35
CA TYR A 147 -9.37 -11.46 17.79
C TYR A 147 -9.29 -11.21 16.29
N GLU A 148 -8.28 -10.46 15.83
CA GLU A 148 -8.18 -10.12 14.41
C GLU A 148 -7.75 -11.33 13.59
N PHE A 149 -6.82 -12.14 14.10
CA PHE A 149 -6.38 -13.32 13.37
C PHE A 149 -7.52 -14.30 13.15
N LYS A 150 -8.41 -14.43 14.14
CA LYS A 150 -9.49 -15.41 14.02
C LYS A 150 -10.50 -14.99 12.97
N VAL A 151 -10.92 -13.72 12.98
CA VAL A 151 -11.90 -13.28 11.99
C VAL A 151 -11.30 -13.22 10.60
N ILE A 152 -10.03 -12.86 10.49
CA ILE A 152 -9.40 -12.76 9.17
C ILE A 152 -9.22 -14.14 8.57
N SER A 153 -8.92 -15.14 9.40
CA SER A 153 -8.81 -16.50 8.90
C SER A 153 -10.16 -17.02 8.41
N GLN A 154 -11.23 -16.72 9.15
CA GLN A 154 -12.57 -17.10 8.67
C GLN A 154 -12.92 -16.34 7.40
N TYR A 155 -12.52 -15.06 7.31
CA TYR A 155 -12.77 -14.30 6.10
C TYR A 155 -12.08 -14.94 4.89
N LEU A 156 -10.87 -15.45 5.09
CA LEU A 156 -10.14 -16.07 3.99
C LEU A 156 -10.81 -17.38 3.54
N GLN A 157 -11.13 -18.26 4.49
CA GLN A 157 -11.67 -19.56 4.15
C GLN A 157 -13.15 -19.52 3.80
N SER A 158 -13.94 -18.66 4.45
CA SER A 158 -15.36 -18.62 4.15
C SER A 158 -15.66 -17.97 2.80
N THR A 159 -14.76 -17.13 2.30
CA THR A 159 -14.96 -16.46 1.01
C THR A 159 -13.95 -16.93 -0.04
N HIS A 160 -13.45 -18.16 0.09
CA HIS A 160 -12.73 -18.78 -1.01
C HIS A 160 -13.75 -19.20 -2.07
N ALA A 161 -13.59 -18.67 -3.28
CA ALA A 161 -14.60 -18.87 -4.31
C ALA A 161 -14.71 -20.34 -4.69
N PRO A 162 -15.92 -20.86 -4.87
CA PRO A 162 -16.07 -22.26 -5.30
C PRO A 162 -15.48 -22.54 -6.67
N THR A 163 -15.42 -21.53 -7.54
CA THR A 163 -14.90 -21.71 -8.90
C THR A 163 -13.39 -21.57 -8.98
N HIS A 164 -12.71 -21.23 -7.89
CA HIS A 164 -11.26 -21.16 -7.87
C HIS A 164 -10.71 -22.37 -7.11
N SER A 165 -10.96 -23.57 -7.65
CA SER A 165 -10.78 -24.82 -6.94
C SER A 165 -9.42 -25.47 -7.18
N ASP A 166 -8.45 -24.72 -7.69
CA ASP A 166 -7.14 -25.29 -7.99
C ASP A 166 -6.16 -25.20 -6.83
N TYR A 167 -6.49 -24.47 -5.75
CA TYR A 167 -5.58 -24.30 -4.64
C TYR A 167 -6.35 -24.11 -3.35
N THR A 168 -5.66 -24.31 -2.24
CA THR A 168 -6.12 -23.95 -0.91
C THR A 168 -5.17 -22.90 -0.33
N MET A 169 -5.69 -22.09 0.58
CA MET A 169 -4.96 -20.96 1.14
C MET A 169 -4.74 -21.20 2.63
N THR A 170 -3.52 -20.96 3.09
CA THR A 170 -3.14 -21.20 4.47
C THR A 170 -2.44 -19.96 5.02
N LEU A 171 -3.01 -19.37 6.07
CA LEU A 171 -2.51 -18.11 6.62
C LEU A 171 -1.24 -18.37 7.42
N LEU A 172 -0.08 -18.09 6.82
CA LEU A 172 1.19 -18.27 7.50
C LEU A 172 1.46 -17.19 8.53
N ASP A 173 1.04 -15.95 8.27
CA ASP A 173 1.38 -14.83 9.13
C ASP A 173 0.40 -13.69 8.86
N LEU A 174 0.05 -12.96 9.91
CA LEU A 174 -0.84 -11.81 9.82
C LEU A 174 -0.15 -10.61 10.46
N PHE A 175 0.10 -9.57 9.67
CA PHE A 175 0.71 -8.34 10.14
C PHE A 175 -0.30 -7.21 10.09
N GLU A 176 -0.25 -6.33 11.07
CA GLU A 176 -1.05 -5.11 11.05
C GLU A 176 -0.30 -4.03 10.26
N VAL A 177 -1.02 -3.36 9.37
CA VAL A 177 -0.44 -2.39 8.44
C VAL A 177 -0.82 -0.99 8.90
N GLU A 178 0.13 -0.06 8.81
CA GLU A 178 -0.15 1.35 9.04
C GLU A 178 0.85 2.17 8.22
N LYS A 179 0.39 2.69 7.09
CA LYS A 179 1.20 3.54 6.24
C LYS A 179 1.09 4.98 6.73
N ASP A 180 2.23 5.66 6.83
CA ASP A 180 2.26 7.03 7.31
C ASP A 180 1.38 7.91 6.45
N GLY A 181 0.46 8.64 7.10
CA GLY A 181 -0.42 9.55 6.41
C GLY A 181 -1.68 8.95 5.84
N GLU A 182 -1.95 7.66 6.07
CA GLU A 182 -3.16 7.05 5.55
C GLU A 182 -4.37 7.26 6.45
N LYS A 183 -4.19 7.16 7.77
CA LYS A 183 -5.29 7.44 8.69
C LYS A 183 -5.70 8.90 8.64
N GLU A 184 -4.72 9.80 8.61
CA GLU A 184 -5.01 11.23 8.63
C GLU A 184 -5.68 11.72 7.35
N ALA A 185 -5.53 10.99 6.25
CA ALA A 185 -6.15 11.37 4.99
C ALA A 185 -7.41 10.58 4.67
N PHE A 186 -7.79 9.64 5.53
CA PHE A 186 -8.89 8.74 5.23
C PHE A 186 -10.23 9.46 5.41
N ARG A 187 -11.18 9.14 4.53
CA ARG A 187 -12.55 9.65 4.64
C ARG A 187 -13.31 8.86 5.71
N GLU A 188 -12.78 8.93 6.93
CA GLU A 188 -13.26 8.13 8.05
C GLU A 188 -14.71 8.42 8.41
N ASP A 189 -15.31 9.44 7.82
CA ASP A 189 -16.70 9.80 8.07
C ASP A 189 -17.66 9.27 7.02
N LEU A 190 -17.18 8.76 5.90
CA LEU A 190 -18.04 8.21 4.86
C LEU A 190 -18.57 6.85 5.28
N HIS A 191 -19.81 6.56 4.87
CA HIS A 191 -20.45 5.31 5.28
C HIS A 191 -20.04 4.18 4.33
N ASN A 192 -20.55 2.98 4.63
CA ASN A 192 -20.18 1.74 3.92
C ASN A 192 -18.66 1.52 3.93
N ARG A 193 -18.07 1.60 5.11
CA ARG A 193 -16.66 1.26 5.27
C ARG A 193 -16.53 -0.25 5.39
N MET A 194 -15.83 -0.88 4.43
CA MET A 194 -15.75 -2.33 4.35
C MET A 194 -14.31 -2.79 4.28
N LEU A 195 -14.02 -3.91 4.96
CA LEU A 195 -12.71 -4.55 4.90
C LEU A 195 -12.70 -5.49 3.70
N LEU A 196 -12.08 -5.05 2.61
CA LEU A 196 -12.10 -5.77 1.35
C LEU A 196 -10.71 -6.31 1.03
N TRP A 197 -10.68 -7.25 0.10
CA TRP A 197 -9.45 -7.90 -0.31
C TRP A 197 -8.77 -7.16 -1.44
N HIS A 198 -7.45 -7.29 -1.50
CA HIS A 198 -6.67 -6.89 -2.67
C HIS A 198 -5.40 -7.71 -2.73
N GLY A 199 -5.15 -8.32 -3.89
CA GLY A 199 -3.95 -9.08 -4.09
C GLY A 199 -3.21 -8.62 -5.34
N SER A 200 -1.88 -8.70 -5.28
CA SER A 200 -1.06 -8.26 -6.39
C SER A 200 0.18 -9.15 -6.47
N ARG A 201 1.01 -8.89 -7.48
CA ARG A 201 2.24 -9.64 -7.68
C ARG A 201 3.25 -9.33 -6.56
N MET A 202 4.25 -10.21 -6.44
CA MET A 202 5.24 -10.05 -5.38
C MET A 202 6.04 -8.76 -5.58
N SER A 203 6.50 -8.51 -6.80
CA SER A 203 7.37 -7.37 -7.08
C SER A 203 6.71 -6.03 -6.73
N ASN A 204 5.40 -6.03 -6.54
CA ASN A 204 4.65 -4.80 -6.33
C ASN A 204 4.41 -4.48 -4.85
N TRP A 205 4.88 -5.33 -3.93
CA TRP A 205 4.53 -5.14 -2.52
C TRP A 205 5.41 -4.12 -1.82
N VAL A 206 6.61 -3.86 -2.32
CA VAL A 206 7.33 -2.69 -1.84
C VAL A 206 6.65 -1.42 -2.33
N GLY A 207 6.02 -1.48 -3.49
CA GLY A 207 5.28 -0.34 -4.00
C GLY A 207 4.02 -0.03 -3.22
N ILE A 208 3.13 -1.02 -3.09
CA ILE A 208 1.85 -0.77 -2.44
C ILE A 208 2.02 -0.41 -0.97
N LEU A 209 3.10 -0.87 -0.34
CA LEU A 209 3.29 -0.55 1.08
C LEU A 209 3.91 0.83 1.27
N SER A 210 4.92 1.17 0.49
CA SER A 210 5.61 2.44 0.68
C SER A 210 4.87 3.61 0.05
N HIS A 211 4.12 3.36 -1.03
CA HIS A 211 3.42 4.41 -1.76
C HIS A 211 1.91 4.32 -1.64
N GLY A 212 1.39 3.29 -0.99
CA GLY A 212 -0.05 3.09 -0.92
C GLY A 212 -0.62 2.58 -2.23
N LEU A 213 -1.90 2.20 -2.22
CA LEU A 213 -2.57 1.80 -3.46
C LEU A 213 -2.90 3.04 -4.28
N ARG A 214 -2.68 2.95 -5.59
CA ARG A 214 -2.55 4.13 -6.42
C ARG A 214 -3.49 4.10 -7.62
N ILE A 215 -3.89 5.29 -8.05
CA ILE A 215 -4.64 5.47 -9.30
C ILE A 215 -3.70 5.33 -10.48
N ALA A 216 -4.16 4.62 -11.51
CA ALA A 216 -3.40 4.38 -12.73
C ALA A 216 -2.88 5.69 -13.31
N PRO A 217 -1.70 5.67 -13.96
CA PRO A 217 -1.12 6.91 -14.47
C PRO A 217 -1.92 7.48 -15.61
N PRO A 218 -1.80 8.80 -15.88
CA PRO A 218 -2.55 9.38 -17.00
C PRO A 218 -2.17 8.80 -18.36
N GLU A 219 -0.95 8.31 -18.51
CA GLU A 219 -0.47 7.80 -19.79
C GLU A 219 -0.95 6.38 -20.10
N ALA A 220 -1.73 5.77 -19.21
CA ALA A 220 -2.18 4.41 -19.48
C ALA A 220 -3.47 4.41 -20.29
N PRO A 221 -3.64 3.44 -21.18
CA PRO A 221 -4.91 3.33 -21.92
C PRO A 221 -6.04 2.88 -21.00
N ILE A 222 -7.14 3.62 -21.01
CA ILE A 222 -8.23 3.36 -20.08
C ILE A 222 -9.02 2.10 -20.42
N THR A 223 -8.81 1.51 -21.59
CA THR A 223 -9.52 0.29 -21.95
C THR A 223 -8.96 -0.95 -21.25
N GLY A 224 -7.86 -0.83 -20.51
CA GLY A 224 -7.32 -1.91 -19.73
C GLY A 224 -7.94 -2.06 -18.36
N TYR A 225 -8.86 -1.18 -17.99
CA TYR A 225 -9.45 -1.11 -16.66
C TYR A 225 -10.96 -1.23 -16.82
N MET A 226 -11.50 -2.40 -16.46
CA MET A 226 -12.91 -2.70 -16.72
C MET A 226 -13.86 -1.76 -16.00
N PHE A 227 -13.37 -0.88 -15.12
CA PHE A 227 -14.26 0.04 -14.43
C PHE A 227 -13.62 1.41 -14.20
N GLY A 228 -12.60 1.78 -14.95
CA GLY A 228 -11.92 3.05 -14.78
C GLY A 228 -10.61 2.92 -14.04
N LYS A 229 -9.89 4.04 -13.99
CA LYS A 229 -8.59 4.10 -13.33
C LYS A 229 -8.79 4.33 -11.83
N GLY A 230 -9.04 3.23 -11.12
CA GLY A 230 -9.24 3.28 -9.70
C GLY A 230 -8.42 2.26 -8.95
N ILE A 231 -8.73 2.05 -7.68
CA ILE A 231 -8.11 1.02 -6.86
C ILE A 231 -9.14 -0.08 -6.66
N TYR A 232 -8.83 -1.27 -7.14
CA TYR A 232 -9.80 -2.35 -7.25
C TYR A 232 -9.74 -3.26 -6.02
N PHE A 233 -10.90 -3.62 -5.49
CA PHE A 233 -11.00 -4.48 -4.33
C PHE A 233 -12.01 -5.59 -4.61
N ALA A 234 -11.89 -6.68 -3.85
CA ALA A 234 -12.83 -7.79 -3.92
C ALA A 234 -13.26 -8.18 -2.52
N ASP A 235 -14.49 -8.69 -2.41
CA ASP A 235 -14.98 -9.28 -1.17
C ASP A 235 -14.75 -10.79 -1.13
N MET A 236 -14.18 -11.36 -2.18
CA MET A 236 -13.89 -12.77 -2.28
C MET A 236 -12.38 -12.96 -2.17
N SER A 237 -11.95 -13.76 -1.19
CA SER A 237 -10.52 -13.88 -0.91
C SER A 237 -9.76 -14.44 -2.10
N SER A 238 -10.28 -15.49 -2.74
CA SER A 238 -9.55 -16.14 -3.82
C SER A 238 -9.54 -15.28 -5.08
N LYS A 239 -10.55 -14.42 -5.26
CA LYS A 239 -10.52 -13.50 -6.40
C LYS A 239 -9.31 -12.59 -6.34
N SER A 240 -9.00 -12.06 -5.16
CA SER A 240 -7.79 -11.26 -4.99
C SER A 240 -6.55 -12.14 -4.99
N ALA A 241 -6.67 -13.36 -4.44
CA ALA A 241 -5.52 -14.27 -4.39
C ALA A 241 -5.08 -14.70 -5.78
N ASN A 242 -6.02 -14.82 -6.73
CA ASN A 242 -5.63 -15.11 -8.11
C ASN A 242 -4.69 -14.04 -8.65
N TYR A 243 -4.94 -12.78 -8.31
CA TYR A 243 -4.10 -11.70 -8.81
C TYR A 243 -2.72 -11.69 -8.18
N CYS A 244 -2.47 -12.51 -7.17
CA CYS A 244 -1.12 -12.66 -6.67
C CYS A 244 -0.24 -13.42 -7.65
N PHE A 245 -0.87 -14.22 -8.52
CA PHE A 245 -0.18 -15.04 -9.51
C PHE A 245 0.83 -15.96 -8.83
N ALA A 246 0.38 -16.64 -7.78
CA ALA A 246 1.21 -17.63 -7.12
C ALA A 246 1.49 -18.79 -8.07
N SER A 247 2.73 -19.25 -8.07
CA SER A 247 3.16 -20.32 -8.95
C SER A 247 3.23 -21.64 -8.19
N ARG A 248 3.14 -22.73 -8.94
CA ARG A 248 3.35 -24.06 -8.35
C ARG A 248 4.70 -24.12 -7.67
N LEU A 249 5.73 -23.56 -8.32
CA LEU A 249 7.05 -23.47 -7.71
C LEU A 249 7.04 -22.52 -6.52
N LYS A 250 6.73 -21.24 -6.76
CA LYS A 250 6.73 -20.21 -5.72
C LYS A 250 5.30 -20.07 -5.22
N ASN A 251 4.96 -20.81 -4.16
CA ASN A 251 3.60 -20.89 -3.67
C ASN A 251 3.34 -19.97 -2.48
N THR A 252 4.03 -18.83 -2.41
CA THR A 252 3.81 -17.85 -1.35
C THR A 252 3.25 -16.57 -1.96
N GLY A 253 2.27 -15.98 -1.27
CA GLY A 253 1.69 -14.73 -1.71
C GLY A 253 1.40 -13.81 -0.54
N LEU A 254 1.10 -12.56 -0.87
CA LEU A 254 0.67 -11.56 0.09
C LEU A 254 -0.72 -11.09 -0.30
N LEU A 255 -1.65 -11.14 0.64
CA LEU A 255 -2.98 -10.56 0.49
C LEU A 255 -3.10 -9.36 1.41
N LEU A 256 -3.78 -8.32 0.93
CA LEU A 256 -3.95 -7.08 1.68
C LEU A 256 -5.43 -6.88 1.98
N LEU A 257 -5.75 -6.69 3.26
CA LEU A 257 -7.07 -6.30 3.70
C LEU A 257 -7.03 -4.83 4.09
N SER A 258 -7.80 -4.01 3.38
CA SER A 258 -7.81 -2.57 3.61
C SER A 258 -9.20 -2.10 3.98
N GLU A 259 -9.25 -1.03 4.77
CA GLU A 259 -10.50 -0.33 5.03
C GLU A 259 -10.84 0.52 3.82
N VAL A 260 -11.99 0.27 3.21
CA VAL A 260 -12.40 0.96 1.99
C VAL A 260 -13.71 1.67 2.28
N ALA A 261 -13.67 3.00 2.28
CA ALA A 261 -14.86 3.82 2.51
C ALA A 261 -15.57 4.01 1.18
N LEU A 262 -16.58 3.18 0.92
CA LEU A 262 -17.25 3.18 -0.37
C LEU A 262 -18.37 4.22 -0.47
N GLY A 263 -19.07 4.50 0.61
CA GLY A 263 -20.24 5.37 0.49
C GLY A 263 -21.27 4.76 -0.43
N GLN A 264 -21.96 5.62 -1.17
CA GLN A 264 -22.95 5.15 -2.11
C GLN A 264 -22.27 4.53 -3.32
N CYS A 265 -22.76 3.36 -3.74
CA CYS A 265 -22.14 2.61 -4.83
C CYS A 265 -22.91 2.84 -6.12
N ASN A 266 -22.17 3.03 -7.21
CA ASN A 266 -22.76 3.11 -8.55
C ASN A 266 -22.66 1.70 -9.14
N GLU A 267 -23.68 0.89 -8.92
CA GLU A 267 -23.61 -0.53 -9.23
C GLU A 267 -23.78 -0.78 -10.72
N LEU A 268 -22.81 -1.47 -11.30
CA LEU A 268 -22.79 -1.76 -12.72
C LEU A 268 -22.91 -3.26 -12.96
N LEU A 269 -23.67 -3.65 -13.98
CA LEU A 269 -23.86 -5.06 -14.29
C LEU A 269 -22.86 -5.58 -15.31
N GLU A 270 -22.35 -4.71 -16.18
CA GLU A 270 -21.41 -5.08 -17.22
C GLU A 270 -20.32 -4.02 -17.27
N ALA A 271 -19.08 -4.46 -17.50
CA ALA A 271 -17.93 -3.58 -17.36
C ALA A 271 -18.06 -2.35 -18.25
N ASN A 272 -17.48 -1.24 -17.79
CA ASN A 272 -17.53 0.01 -18.54
C ASN A 272 -16.31 0.85 -18.17
N PRO A 273 -15.29 0.92 -19.02
CA PRO A 273 -14.06 1.63 -18.64
C PRO A 273 -14.24 3.11 -18.34
N LYS A 274 -15.37 3.71 -18.71
CA LYS A 274 -15.67 5.10 -18.37
C LYS A 274 -16.54 5.22 -17.13
N ALA A 275 -16.41 4.26 -16.20
CA ALA A 275 -17.35 4.16 -15.08
C ALA A 275 -17.21 5.30 -14.08
N GLU A 276 -16.05 5.97 -14.05
CA GLU A 276 -15.89 7.07 -13.11
C GLU A 276 -16.80 8.25 -13.47
N GLY A 277 -17.07 8.44 -14.77
CA GLY A 277 -17.96 9.50 -15.18
C GLY A 277 -19.41 9.27 -14.78
N LEU A 278 -19.81 8.00 -14.65
CA LEU A 278 -21.16 7.64 -14.24
C LEU A 278 -21.41 7.80 -12.75
N LEU A 279 -20.38 8.15 -11.96
CA LEU A 279 -20.55 8.35 -10.53
C LEU A 279 -21.54 9.48 -10.27
N GLN A 280 -21.14 10.71 -10.60
CA GLN A 280 -22.00 11.87 -10.49
C GLN A 280 -22.57 12.01 -9.08
N GLY A 281 -21.67 12.10 -8.11
CA GLY A 281 -22.06 12.22 -6.73
C GLY A 281 -21.79 10.97 -5.91
N LYS A 282 -22.07 9.80 -6.47
CA LYS A 282 -21.79 8.56 -5.78
C LYS A 282 -20.29 8.37 -5.60
N HIS A 283 -19.92 7.55 -4.61
CA HIS A 283 -18.55 7.49 -4.13
C HIS A 283 -17.80 6.22 -4.53
N SER A 284 -18.44 5.29 -5.24
CA SER A 284 -17.73 4.07 -5.62
C SER A 284 -18.52 3.33 -6.70
N THR A 285 -17.82 2.46 -7.42
CA THR A 285 -18.41 1.58 -8.42
C THR A 285 -18.43 0.16 -7.89
N LYS A 286 -19.59 -0.48 -7.96
CA LYS A 286 -19.76 -1.85 -7.48
C LYS A 286 -20.06 -2.74 -8.68
N GLY A 287 -19.06 -3.52 -9.11
CA GLY A 287 -19.28 -4.53 -10.13
C GLY A 287 -20.11 -5.66 -9.60
N LEU A 288 -21.34 -5.80 -10.09
CA LEU A 288 -22.29 -6.76 -9.55
C LEU A 288 -21.99 -8.16 -10.08
N GLY A 289 -21.77 -9.11 -9.16
CA GLY A 289 -21.52 -10.49 -9.50
C GLY A 289 -22.71 -11.38 -9.25
N LYS A 290 -22.67 -12.58 -9.82
CA LYS A 290 -23.73 -13.56 -9.65
C LYS A 290 -23.56 -14.43 -8.42
N MET A 291 -22.60 -14.09 -7.56
CA MET A 291 -22.31 -14.91 -6.38
C MET A 291 -21.46 -14.07 -5.44
N ALA A 292 -21.91 -13.94 -4.19
CA ALA A 292 -21.28 -13.05 -3.23
C ALA A 292 -21.78 -13.39 -1.84
N PRO A 293 -21.06 -12.99 -0.80
CA PRO A 293 -21.54 -13.20 0.57
C PRO A 293 -22.83 -12.41 0.83
N SER A 294 -23.48 -12.74 1.94
CA SER A 294 -24.78 -12.20 2.29
C SER A 294 -24.68 -11.34 3.54
N SER A 295 -25.43 -10.22 3.54
CA SER A 295 -25.36 -9.23 4.61
C SER A 295 -25.65 -9.80 5.99
N ALA A 296 -26.38 -10.92 6.07
CA ALA A 296 -26.68 -11.50 7.37
C ALA A 296 -25.43 -12.01 8.07
N HIS A 297 -24.62 -12.78 7.35
CA HIS A 297 -23.42 -13.42 7.92
C HIS A 297 -22.25 -12.45 8.11
N PHE A 298 -22.47 -11.13 8.06
CA PHE A 298 -21.39 -10.16 8.18
C PHE A 298 -21.09 -9.86 9.64
N VAL A 299 -19.85 -9.43 9.91
CA VAL A 299 -19.42 -8.98 11.22
C VAL A 299 -18.70 -7.64 11.04
N THR A 300 -18.21 -7.10 12.14
CA THR A 300 -17.53 -5.80 12.15
C THR A 300 -16.24 -5.94 12.96
N LEU A 301 -15.09 -5.76 12.31
CA LEU A 301 -13.79 -5.84 12.96
C LEU A 301 -13.19 -4.44 13.06
N ASN A 302 -13.20 -3.89 14.28
CA ASN A 302 -12.53 -2.63 14.58
C ASN A 302 -13.05 -1.48 13.70
N GLY A 303 -14.37 -1.42 13.54
CA GLY A 303 -15.02 -0.28 12.91
C GLY A 303 -15.58 -0.53 11.53
N SER A 304 -15.26 -1.65 10.88
CA SER A 304 -15.56 -1.82 9.46
C SER A 304 -16.31 -3.12 9.23
N THR A 305 -17.23 -3.08 8.26
CA THR A 305 -18.03 -4.25 7.91
C THR A 305 -17.15 -5.30 7.26
N VAL A 306 -17.09 -6.48 7.87
CA VAL A 306 -16.29 -7.60 7.36
C VAL A 306 -17.23 -8.53 6.60
N PRO A 307 -17.17 -8.58 5.29
CA PRO A 307 -18.13 -9.39 4.50
C PRO A 307 -17.90 -10.89 4.60
N LEU A 308 -18.13 -11.42 5.80
CA LEU A 308 -17.99 -12.84 6.08
C LEU A 308 -19.04 -13.66 5.34
N GLY A 309 -19.03 -14.97 5.55
CA GLY A 309 -20.09 -15.82 5.06
C GLY A 309 -19.67 -16.76 3.96
N PRO A 310 -20.43 -17.84 3.79
CA PRO A 310 -20.10 -18.80 2.73
C PRO A 310 -20.24 -18.24 1.33
N ALA A 311 -21.27 -17.40 1.10
CA ALA A 311 -21.61 -16.72 -0.15
C ALA A 311 -22.46 -17.59 -1.08
N SER A 312 -23.44 -16.97 -1.72
CA SER A 312 -24.34 -17.68 -2.63
C SER A 312 -24.74 -16.75 -3.77
N ASP A 313 -25.68 -17.21 -4.59
CA ASP A 313 -26.10 -16.47 -5.77
C ASP A 313 -26.72 -15.13 -5.37
N THR A 314 -26.65 -14.16 -6.29
CA THR A 314 -27.14 -12.81 -6.06
C THR A 314 -28.40 -12.48 -6.85
N GLY A 315 -28.82 -13.34 -7.78
CA GLY A 315 -29.94 -13.01 -8.64
C GLY A 315 -29.63 -12.02 -9.73
N ILE A 316 -28.36 -11.74 -9.95
CA ILE A 316 -27.93 -10.69 -10.88
C ILE A 316 -27.81 -11.27 -12.28
N LEU A 317 -28.39 -10.57 -13.26
CA LEU A 317 -28.62 -11.14 -14.57
C LEU A 317 -27.81 -10.38 -15.60
N ASN A 318 -28.42 -9.48 -16.36
CA ASN A 318 -27.88 -8.95 -17.61
C ASN A 318 -27.36 -10.12 -18.44
N PRO A 319 -28.25 -10.88 -19.10
CA PRO A 319 -27.82 -12.06 -19.86
C PRO A 319 -26.70 -11.75 -20.85
N ASP A 320 -25.47 -12.02 -20.44
CA ASP A 320 -24.30 -11.69 -21.23
C ASP A 320 -23.08 -12.35 -20.60
N GLY A 321 -22.11 -12.71 -21.43
CA GLY A 321 -20.92 -13.43 -20.99
C GLY A 321 -20.01 -12.64 -20.08
N TYR A 322 -20.27 -11.34 -19.87
CA TYR A 322 -19.50 -10.52 -18.94
C TYR A 322 -20.23 -10.31 -17.62
N THR A 323 -21.18 -11.17 -17.30
CA THR A 323 -21.73 -11.21 -15.95
C THR A 323 -20.63 -11.64 -14.99
N LEU A 324 -20.17 -10.72 -14.14
CA LEU A 324 -19.14 -11.04 -13.18
C LEU A 324 -19.55 -12.23 -12.33
N ASN A 325 -18.64 -13.18 -12.17
CA ASN A 325 -18.92 -14.30 -11.29
C ASN A 325 -18.87 -13.88 -9.83
N TYR A 326 -18.12 -12.83 -9.52
CA TYR A 326 -17.96 -12.35 -8.15
C TYR A 326 -17.86 -10.83 -8.17
N ASN A 327 -18.22 -10.22 -7.04
CA ASN A 327 -18.36 -8.78 -6.95
C ASN A 327 -17.01 -8.08 -7.10
N GLU A 328 -17.08 -6.77 -7.35
CA GLU A 328 -15.90 -5.97 -7.66
C GLU A 328 -16.13 -4.55 -7.16
N TYR A 329 -15.25 -4.07 -6.28
CA TYR A 329 -15.37 -2.75 -5.68
C TYR A 329 -14.23 -1.87 -6.17
N ILE A 330 -14.57 -0.67 -6.62
CA ILE A 330 -13.59 0.28 -7.15
C ILE A 330 -13.79 1.62 -6.46
N VAL A 331 -12.69 2.22 -6.00
CA VAL A 331 -12.66 3.60 -5.52
C VAL A 331 -11.65 4.36 -6.35
N TYR A 332 -11.95 5.62 -6.63
CA TYR A 332 -11.16 6.46 -7.53
C TYR A 332 -10.45 7.59 -6.77
N ASN A 333 -10.04 7.32 -5.54
CA ASN A 333 -9.35 8.31 -4.72
C ASN A 333 -8.66 7.61 -3.56
N PRO A 334 -7.34 7.71 -3.44
CA PRO A 334 -6.64 6.99 -2.37
C PRO A 334 -7.10 7.37 -0.97
N ASN A 335 -7.78 8.50 -0.81
CA ASN A 335 -8.30 8.88 0.50
C ASN A 335 -9.42 7.98 0.98
N GLN A 336 -10.02 7.17 0.09
CA GLN A 336 -11.03 6.19 0.46
C GLN A 336 -10.44 4.83 0.80
N VAL A 337 -9.12 4.76 1.02
CA VAL A 337 -8.44 3.51 1.31
C VAL A 337 -7.57 3.69 2.54
N ARG A 338 -7.57 2.68 3.42
CA ARG A 338 -6.67 2.64 4.56
C ARG A 338 -6.15 1.21 4.71
N MET A 339 -4.91 0.99 4.29
CA MET A 339 -4.27 -0.30 4.44
C MET A 339 -4.20 -0.68 5.91
N ARG A 340 -4.61 -1.91 6.23
CA ARG A 340 -4.91 -2.25 7.61
C ARG A 340 -4.33 -3.58 8.07
N TYR A 341 -4.34 -4.59 7.19
CA TYR A 341 -3.78 -5.89 7.53
C TYR A 341 -3.02 -6.43 6.33
N LEU A 342 -2.06 -7.32 6.61
CA LEU A 342 -1.29 -7.99 5.58
C LEU A 342 -1.18 -9.47 5.92
N LEU A 343 -1.44 -10.32 4.94
CA LEU A 343 -1.45 -11.77 5.11
C LEU A 343 -0.34 -12.40 4.29
N LYS A 344 0.50 -13.20 4.94
CA LYS A 344 1.42 -14.09 4.23
C LYS A 344 0.67 -15.39 3.95
N VAL A 345 0.44 -15.67 2.67
CA VAL A 345 -0.45 -16.74 2.24
C VAL A 345 0.37 -17.82 1.56
N GLN A 346 0.14 -19.07 1.96
CA GLN A 346 0.71 -20.24 1.29
C GLN A 346 -0.35 -20.86 0.41
N PHE A 347 -0.09 -20.93 -0.88
CA PHE A 347 -1.00 -21.55 -1.84
C PHE A 347 -0.68 -23.04 -1.94
N ASN A 348 -1.67 -23.89 -1.68
CA ASN A 348 -1.53 -25.33 -1.80
C ASN A 348 -2.33 -25.77 -3.03
N PHE A 349 -1.65 -25.82 -4.17
CA PHE A 349 -2.29 -26.19 -5.41
C PHE A 349 -2.79 -27.64 -5.37
N LEU A 350 -3.91 -27.88 -6.05
CA LEU A 350 -4.50 -29.22 -6.12
C LEU A 350 -4.39 -29.82 -7.51
N GLN A 351 -3.68 -29.16 -8.42
CA GLN A 351 -3.49 -29.67 -9.78
C GLN A 351 -2.21 -29.12 -10.38
N GLU B 1 -28.09 34.14 37.29
CA GLU B 1 -28.31 35.09 36.21
C GLU B 1 -27.30 34.86 35.09
N SER B 2 -26.42 33.88 35.28
CA SER B 2 -25.60 33.38 34.18
C SER B 2 -26.48 32.66 33.17
N GLN B 3 -26.13 32.77 31.89
CA GLN B 3 -27.04 32.39 30.83
C GLN B 3 -26.33 31.54 29.79
N LEU B 4 -27.11 31.09 28.81
CA LEU B 4 -26.65 30.44 27.60
C LEU B 4 -27.15 31.26 26.41
N ASP B 5 -26.85 30.80 25.19
CA ASP B 5 -27.22 31.56 24.01
C ASP B 5 -28.72 31.84 23.99
N LEU B 6 -29.09 33.03 23.52
CA LEU B 6 -30.49 33.45 23.56
C LEU B 6 -31.36 32.57 22.67
N ARG B 7 -30.82 32.07 21.55
CA ARG B 7 -31.57 31.16 20.71
C ARG B 7 -31.81 29.82 21.41
N VAL B 8 -30.85 29.38 22.21
CA VAL B 8 -31.05 28.17 23.00
C VAL B 8 -31.99 28.44 24.17
N GLN B 9 -31.90 29.64 24.75
CA GLN B 9 -32.74 29.98 25.90
C GLN B 9 -34.21 29.91 25.55
N GLU B 10 -34.59 30.44 24.38
CA GLU B 10 -35.99 30.41 23.99
C GLU B 10 -36.45 28.99 23.68
N LEU B 11 -35.52 28.13 23.25
CA LEU B 11 -35.89 26.74 22.98
C LEU B 11 -36.12 25.97 24.28
N ILE B 12 -35.22 26.13 25.26
CA ILE B 12 -35.45 25.57 26.58
C ILE B 12 -36.76 26.11 27.17
N LYS B 13 -37.05 27.39 26.93
CA LYS B 13 -38.34 27.93 27.34
C LYS B 13 -39.49 27.20 26.65
N LEU B 14 -39.36 26.98 25.34
CA LEU B 14 -40.47 26.41 24.58
C LEU B 14 -40.72 24.95 24.95
N ILE B 15 -39.65 24.15 25.11
CA ILE B 15 -39.82 22.72 25.39
C ILE B 15 -40.07 22.43 26.86
N CYS B 16 -40.07 23.44 27.72
CA CYS B 16 -40.37 23.26 29.13
C CYS B 16 -41.67 23.93 29.54
N ASN B 17 -42.38 24.54 28.61
CA ASN B 17 -43.62 25.27 28.91
C ASN B 17 -44.68 24.28 29.36
N VAL B 18 -44.82 24.13 30.69
CA VAL B 18 -45.80 23.19 31.23
C VAL B 18 -47.22 23.71 31.04
N GLN B 19 -47.40 25.03 31.00
CA GLN B 19 -48.70 25.59 30.65
C GLN B 19 -49.16 25.09 29.29
N ALA B 20 -48.28 25.15 28.30
CA ALA B 20 -48.60 24.59 26.99
C ALA B 20 -48.81 23.09 27.07
N MET B 21 -47.98 22.40 27.86
CA MET B 21 -48.15 20.96 28.03
C MET B 21 -49.52 20.63 28.60
N GLU B 22 -50.04 21.47 29.48
CA GLU B 22 -51.44 21.34 29.88
C GLU B 22 -52.35 21.52 28.67
N GLU B 23 -52.17 22.62 27.93
CA GLU B 23 -53.07 22.97 26.83
C GLU B 23 -53.19 21.84 25.81
N MET B 24 -52.07 21.16 25.50
CA MET B 24 -52.11 20.08 24.52
C MET B 24 -53.02 18.95 24.98
N MET B 25 -52.88 18.54 26.25
CA MET B 25 -53.69 17.43 26.74
C MET B 25 -55.16 17.83 26.89
N MET B 26 -55.43 19.06 27.30
CA MET B 26 -56.81 19.55 27.31
C MET B 26 -57.40 19.53 25.91
N GLU B 27 -56.62 19.92 24.90
CA GLU B 27 -57.09 19.80 23.52
C GLU B 27 -57.14 18.36 23.07
N MET B 28 -56.37 17.47 23.70
CA MET B 28 -56.48 16.04 23.47
C MET B 28 -57.58 15.39 24.28
N LYS B 29 -58.42 16.20 24.94
CA LYS B 29 -59.54 15.71 25.73
C LYS B 29 -59.06 14.91 26.95
N TYR B 30 -57.94 15.34 27.53
CA TYR B 30 -57.44 14.77 28.78
C TYR B 30 -57.90 15.64 29.94
N ASN B 31 -58.28 15.00 31.04
CA ASN B 31 -58.79 15.71 32.22
C ASN B 31 -57.62 16.14 33.09
N THR B 32 -57.03 17.28 32.74
CA THR B 32 -55.99 17.85 33.58
C THR B 32 -56.53 18.39 34.90
N LYS B 33 -57.81 18.73 34.95
CA LYS B 33 -58.38 19.30 36.16
C LYS B 33 -58.80 18.23 37.16
N LYS B 34 -58.97 16.99 36.71
CA LYS B 34 -59.12 15.84 37.59
C LYS B 34 -57.77 15.18 37.89
N ALA B 35 -56.92 15.07 36.87
CA ALA B 35 -55.59 14.47 37.01
C ALA B 35 -54.56 15.45 36.47
N PRO B 36 -54.04 16.34 37.31
CA PRO B 36 -52.97 17.25 36.88
C PRO B 36 -51.75 16.48 36.39
N LEU B 37 -51.00 17.10 35.49
CA LEU B 37 -49.85 16.44 34.89
C LEU B 37 -48.74 16.18 35.90
N GLY B 38 -48.76 16.85 37.05
CA GLY B 38 -47.82 16.52 38.11
C GLY B 38 -48.14 15.19 38.78
N LYS B 39 -49.40 14.79 38.77
CA LYS B 39 -49.82 13.50 39.30
C LYS B 39 -49.47 12.34 38.38
N LEU B 40 -48.83 12.61 37.25
CA LEU B 40 -48.51 11.55 36.31
C LEU B 40 -47.48 10.60 36.92
N THR B 41 -47.79 9.32 36.92
CA THR B 41 -46.86 8.29 37.34
C THR B 41 -46.56 7.37 36.17
N VAL B 42 -45.29 6.95 36.08
CA VAL B 42 -44.86 6.08 34.99
C VAL B 42 -45.61 4.77 34.99
N ALA B 43 -46.22 4.38 36.12
CA ALA B 43 -46.99 3.15 36.20
C ALA B 43 -48.37 3.32 35.57
N GLN B 44 -49.03 4.47 35.81
CA GLN B 44 -50.34 4.69 35.21
C GLN B 44 -50.26 4.74 33.69
N ILE B 45 -49.13 5.19 33.15
CA ILE B 45 -48.94 5.15 31.71
C ILE B 45 -48.99 3.72 31.21
N LYS B 46 -48.24 2.83 31.89
CA LYS B 46 -48.27 1.42 31.54
C LYS B 46 -49.64 0.82 31.80
N ALA B 47 -50.38 1.39 32.75
CA ALA B 47 -51.75 0.94 32.98
C ALA B 47 -52.65 1.29 31.80
N GLY B 48 -52.54 2.52 31.30
CA GLY B 48 -53.29 2.89 30.11
C GLY B 48 -52.87 2.10 28.89
N TYR B 49 -51.56 1.82 28.77
CA TYR B 49 -51.08 0.98 27.67
C TYR B 49 -51.73 -0.39 27.71
N GLN B 50 -51.89 -0.95 28.92
CA GLN B 50 -52.43 -2.30 29.05
C GLN B 50 -53.92 -2.32 28.76
N SER B 51 -54.67 -1.37 29.32
CA SER B 51 -56.09 -1.26 29.00
C SER B 51 -56.30 -1.11 27.50
N LEU B 52 -55.32 -0.56 26.79
CA LEU B 52 -55.40 -0.49 25.33
C LEU B 52 -55.17 -1.86 24.70
N LYS B 53 -54.29 -2.67 25.28
CA LYS B 53 -54.13 -4.05 24.81
C LYS B 53 -55.42 -4.84 25.00
N LYS B 54 -56.09 -4.65 26.14
CA LYS B 54 -57.39 -5.26 26.35
C LYS B 54 -58.39 -4.79 25.29
N ILE B 55 -58.25 -3.54 24.83
CA ILE B 55 -59.04 -3.08 23.70
C ILE B 55 -58.53 -3.70 22.41
N GLU B 56 -57.20 -3.79 22.24
CA GLU B 56 -56.64 -4.46 21.09
C GLU B 56 -57.04 -5.93 21.03
N ASP B 57 -57.19 -6.57 22.19
CA ASP B 57 -57.67 -7.94 22.22
C ASP B 57 -59.09 -8.04 21.66
N CYS B 58 -59.96 -7.11 22.04
CA CYS B 58 -61.35 -7.16 21.64
C CYS B 58 -61.49 -6.97 20.14
N ILE B 59 -60.94 -5.88 19.60
CA ILE B 59 -61.24 -5.51 18.21
C ILE B 59 -60.69 -6.55 17.23
N ARG B 60 -59.67 -7.30 17.62
CA ARG B 60 -59.17 -8.36 16.73
C ARG B 60 -60.07 -9.59 16.78
N ALA B 61 -60.52 -9.98 17.97
CA ALA B 61 -61.40 -11.11 18.15
C ALA B 61 -62.87 -10.78 17.89
N GLY B 62 -63.16 -9.64 17.25
CA GLY B 62 -64.52 -9.31 16.86
C GLY B 62 -65.49 -9.07 17.99
N GLN B 63 -65.01 -8.76 19.19
CA GLN B 63 -65.86 -8.57 20.36
C GLN B 63 -66.05 -7.08 20.60
N HIS B 64 -67.28 -6.60 20.39
CA HIS B 64 -67.64 -5.20 20.61
C HIS B 64 -68.92 -5.11 21.43
N GLY B 65 -68.95 -5.79 22.57
CA GLY B 65 -70.08 -5.74 23.46
C GLY B 65 -69.72 -5.17 24.82
N ARG B 66 -70.18 -5.81 25.89
CA ARG B 66 -69.81 -5.40 27.24
C ARG B 66 -68.30 -5.45 27.44
N ALA B 67 -67.63 -6.40 26.79
CA ALA B 67 -66.18 -6.50 26.92
C ALA B 67 -65.48 -5.25 26.40
N LEU B 68 -65.86 -4.78 25.21
CA LEU B 68 -65.27 -3.56 24.67
C LEU B 68 -65.61 -2.36 25.54
N MET B 69 -66.89 -2.20 25.89
CA MET B 69 -67.30 -1.07 26.72
C MET B 69 -66.57 -1.06 28.06
N GLU B 70 -66.35 -2.25 28.64
CA GLU B 70 -65.65 -2.33 29.92
C GLU B 70 -64.15 -2.12 29.75
N ALA B 71 -63.58 -2.58 28.63
CA ALA B 71 -62.17 -2.32 28.37
C ALA B 71 -61.91 -0.83 28.20
N CYS B 72 -62.81 -0.13 27.50
CA CYS B 72 -62.73 1.31 27.41
C CYS B 72 -63.15 2.00 28.69
N ASN B 73 -64.11 1.41 29.42
CA ASN B 73 -64.42 1.87 30.77
C ASN B 73 -63.15 1.99 31.61
N GLU B 74 -62.33 0.92 31.60
CA GLU B 74 -61.11 0.91 32.39
C GLU B 74 -60.07 1.87 31.84
N PHE B 75 -60.05 2.08 30.52
CA PHE B 75 -59.09 3.02 29.93
C PHE B 75 -59.42 4.45 30.34
N TYR B 76 -60.66 4.88 30.12
CA TYR B 76 -61.07 6.23 30.48
C TYR B 76 -61.08 6.46 31.98
N THR B 77 -60.80 5.43 32.78
CA THR B 77 -60.64 5.55 34.23
C THR B 77 -59.16 5.70 34.60
N ARG B 78 -58.31 4.83 34.06
CA ARG B 78 -56.87 5.00 34.22
C ARG B 78 -56.38 6.29 33.58
N ILE B 79 -56.98 6.67 32.47
CA ILE B 79 -56.61 7.90 31.76
C ILE B 79 -57.81 8.85 31.78
N PRO B 80 -57.86 9.81 32.70
CA PRO B 80 -59.04 10.69 32.80
C PRO B 80 -59.18 11.54 31.55
N HIS B 81 -60.30 11.36 30.85
CA HIS B 81 -60.61 12.12 29.67
C HIS B 81 -61.65 13.19 29.99
N ASP B 82 -61.68 14.24 29.17
CA ASP B 82 -62.55 15.39 29.40
C ASP B 82 -63.43 15.63 28.17
N PHE B 83 -64.21 14.61 27.80
CA PHE B 83 -65.18 14.79 26.72
C PHE B 83 -66.28 15.77 27.12
N GLY B 84 -66.81 15.63 28.34
CA GLY B 84 -67.83 16.54 28.83
C GLY B 84 -69.14 15.83 29.08
N LEU B 85 -70.24 16.40 28.58
CA LEU B 85 -71.52 15.73 28.70
C LEU B 85 -71.63 14.53 27.78
N ARG B 86 -70.94 14.56 26.66
CA ARG B 86 -71.00 13.44 25.73
C ARG B 86 -70.49 12.18 26.41
N THR B 87 -71.14 11.07 26.11
CA THR B 87 -70.61 9.79 26.54
C THR B 87 -69.29 9.53 25.82
N PRO B 88 -68.29 8.99 26.51
CA PRO B 88 -66.98 8.79 25.89
C PRO B 88 -67.06 7.72 24.82
N PRO B 89 -66.60 8.01 23.61
CA PRO B 89 -66.68 7.02 22.53
C PRO B 89 -65.79 5.82 22.81
N LEU B 90 -65.94 4.80 21.97
CA LEU B 90 -65.17 3.58 22.07
C LEU B 90 -63.99 3.62 21.11
N ILE B 91 -63.08 2.66 21.27
CA ILE B 91 -61.92 2.52 20.40
C ILE B 91 -62.13 1.28 19.56
N ARG B 92 -62.22 1.46 18.23
CA ARG B 92 -62.64 0.37 17.36
C ARG B 92 -61.87 0.36 16.02
N THR B 93 -60.64 0.87 16.02
CA THR B 93 -59.81 0.79 14.82
C THR B 93 -58.36 1.03 15.22
N GLN B 94 -57.47 0.77 14.27
CA GLN B 94 -56.04 1.07 14.46
C GLN B 94 -55.84 2.57 14.63
N LYS B 95 -56.63 3.38 13.93
CA LYS B 95 -56.55 4.83 14.06
C LYS B 95 -56.88 5.26 15.49
N GLU B 96 -58.07 4.88 15.98
CA GLU B 96 -58.44 5.24 17.33
C GLU B 96 -57.45 4.70 18.35
N LEU B 97 -56.96 3.48 18.14
CA LEU B 97 -55.89 2.95 19.00
C LEU B 97 -54.66 3.84 18.97
N SER B 98 -54.13 4.09 17.77
CA SER B 98 -52.94 4.91 17.63
C SER B 98 -53.15 6.34 18.15
N GLU B 99 -54.41 6.79 18.25
CA GLU B 99 -54.66 8.09 18.88
C GLU B 99 -54.47 8.01 20.39
N LYS B 100 -55.00 6.96 21.02
CA LYS B 100 -54.76 6.75 22.45
C LYS B 100 -53.33 6.34 22.72
N ILE B 101 -52.65 5.76 21.73
CA ILE B 101 -51.22 5.48 21.88
C ILE B 101 -50.41 6.77 21.77
N GLN B 102 -50.84 7.70 20.91
CA GLN B 102 -50.18 9.00 20.83
C GLN B 102 -50.40 9.81 22.11
N LEU B 103 -51.61 9.76 22.67
CA LEU B 103 -51.88 10.46 23.92
C LEU B 103 -51.01 9.95 25.05
N LEU B 104 -50.80 8.63 25.09
CA LEU B 104 -50.02 8.03 26.18
C LEU B 104 -48.54 8.39 26.06
N GLU B 105 -48.03 8.48 24.83
CA GLU B 105 -46.63 8.87 24.64
C GLU B 105 -46.40 10.30 25.11
N ALA B 106 -47.30 11.22 24.74
CA ALA B 106 -47.16 12.60 25.16
C ALA B 106 -47.27 12.72 26.69
N LEU B 107 -48.14 11.92 27.30
CA LEU B 107 -48.19 11.88 28.76
C LEU B 107 -46.89 11.37 29.35
N GLY B 108 -46.36 10.27 28.80
CA GLY B 108 -45.11 9.73 29.31
C GLY B 108 -43.93 10.65 29.11
N ASP B 109 -43.95 11.45 28.05
CA ASP B 109 -42.88 12.42 27.80
C ASP B 109 -43.15 13.78 28.43
N ILE B 110 -44.40 14.02 28.84
CA ILE B 110 -44.67 15.15 29.74
C ILE B 110 -44.24 14.81 31.16
N GLU B 111 -44.43 13.55 31.56
CA GLU B 111 -43.96 13.09 32.86
C GLU B 111 -42.45 13.22 32.97
N ILE B 112 -41.73 12.94 31.88
CA ILE B 112 -40.28 13.13 31.86
C ILE B 112 -39.94 14.61 32.01
N ALA B 113 -40.71 15.47 31.35
CA ALA B 113 -40.48 16.91 31.44
C ALA B 113 -40.66 17.41 32.87
N ILE B 114 -41.80 17.08 33.48
CA ILE B 114 -42.13 17.61 34.80
C ILE B 114 -41.13 17.09 35.84
N LYS B 115 -40.80 15.80 35.77
CA LYS B 115 -39.81 15.24 36.67
C LYS B 115 -38.43 15.87 36.48
N LEU B 116 -38.16 16.42 35.30
CA LEU B 116 -36.86 17.05 35.03
C LEU B 116 -36.83 18.51 35.48
N VAL B 117 -37.91 19.27 35.25
CA VAL B 117 -37.90 20.67 35.65
C VAL B 117 -37.99 20.79 37.17
N LYS B 118 -38.57 19.80 37.84
CA LYS B 118 -38.62 19.79 39.30
C LYS B 118 -37.36 19.15 39.90
N SER B 119 -36.21 19.53 39.38
CA SER B 119 -34.94 18.99 39.82
C SER B 119 -34.31 19.92 40.87
N GLU B 120 -33.01 19.76 41.11
CA GLU B 120 -32.36 20.47 42.21
C GLU B 120 -31.22 21.35 41.71
N ARG B 121 -30.27 21.66 42.60
CA ARG B 121 -29.15 22.56 42.30
C ARG B 121 -29.65 23.93 41.82
N GLN B 122 -30.80 24.36 42.33
CA GLN B 122 -31.50 25.52 41.79
C GLN B 122 -30.76 26.83 42.06
N GLY B 123 -30.74 27.26 43.32
CA GLY B 123 -30.09 28.50 43.69
C GLY B 123 -28.58 28.45 43.59
N LEU B 124 -28.06 28.72 42.40
CA LEU B 124 -26.65 28.57 42.06
C LEU B 124 -26.47 28.91 40.59
N GLU B 125 -27.42 28.48 39.78
CA GLU B 125 -27.46 28.73 38.35
C GLU B 125 -28.87 29.13 37.95
N HIS B 126 -28.95 29.86 36.84
CA HIS B 126 -30.25 30.19 36.27
C HIS B 126 -30.96 28.89 35.88
N PRO B 127 -32.29 28.79 36.06
CA PRO B 127 -32.93 27.48 35.84
C PRO B 127 -32.83 26.98 34.41
N LEU B 128 -32.66 27.87 33.41
CA LEU B 128 -32.41 27.40 32.05
C LEU B 128 -31.06 26.71 31.96
N ASP B 129 -30.03 27.30 32.58
CA ASP B 129 -28.72 26.64 32.63
C ASP B 129 -28.80 25.32 33.40
N GLN B 130 -29.72 25.23 34.35
CA GLN B 130 -29.90 24.00 35.11
C GLN B 130 -30.56 22.92 34.26
N HIS B 131 -31.75 23.22 33.73
CA HIS B 131 -32.47 22.26 32.90
C HIS B 131 -31.59 21.75 31.75
N TYR B 132 -30.88 22.67 31.09
CA TYR B 132 -30.04 22.29 29.95
C TYR B 132 -28.95 21.31 30.37
N ARG B 133 -28.55 21.32 31.63
CA ARG B 133 -27.59 20.33 32.11
C ARG B 133 -28.26 18.98 32.36
N ASN B 134 -29.47 18.98 32.93
CA ASN B 134 -30.19 17.74 33.14
C ASN B 134 -30.60 17.06 31.83
N LEU B 135 -30.67 17.82 30.73
CA LEU B 135 -30.92 17.23 29.42
C LEU B 135 -29.84 16.20 29.07
N HIS B 136 -28.61 16.44 29.51
CA HIS B 136 -27.47 15.59 29.18
C HIS B 136 -27.29 15.51 27.66
N CYS B 137 -27.65 16.59 26.98
CA CYS B 137 -27.63 16.65 25.53
C CYS B 137 -27.11 18.01 25.10
N ALA B 138 -26.16 18.02 24.18
CA ALA B 138 -25.58 19.26 23.70
C ALA B 138 -26.52 19.93 22.70
N LEU B 139 -26.82 21.20 22.94
CA LEU B 139 -27.56 22.05 22.02
C LEU B 139 -26.65 23.22 21.66
N ARG B 140 -26.13 23.23 20.44
CA ARG B 140 -25.24 24.28 19.99
C ARG B 140 -25.87 25.02 18.81
N PRO B 141 -26.04 26.34 18.88
CA PRO B 141 -26.54 27.08 17.71
C PRO B 141 -25.60 26.93 16.53
N LEU B 142 -26.18 26.93 15.33
CA LEU B 142 -25.43 26.80 14.10
C LEU B 142 -25.59 28.06 13.27
N ASP B 143 -24.49 28.53 12.69
CA ASP B 143 -24.52 29.78 11.93
C ASP B 143 -25.26 29.59 10.62
N HIS B 144 -25.99 30.63 10.22
CA HIS B 144 -26.81 30.56 9.02
C HIS B 144 -25.97 30.63 7.75
N GLU B 145 -24.79 31.21 7.81
CA GLU B 145 -23.85 31.18 6.67
C GLU B 145 -22.90 30.00 6.81
N SER B 146 -23.48 28.81 6.99
CA SER B 146 -22.73 27.57 7.09
C SER B 146 -23.23 26.58 6.05
N TYR B 147 -22.49 25.48 5.88
CA TYR B 147 -22.88 24.49 4.89
C TYR B 147 -23.97 23.57 5.42
N GLU B 148 -23.98 23.29 6.73
CA GLU B 148 -25.08 22.54 7.31
C GLU B 148 -26.41 23.27 7.09
N PHE B 149 -26.44 24.57 7.39
CA PHE B 149 -27.67 25.35 7.23
C PHE B 149 -28.08 25.43 5.77
N LYS B 150 -27.12 25.64 4.88
CA LYS B 150 -27.44 25.80 3.45
C LYS B 150 -28.08 24.53 2.89
N VAL B 151 -27.66 23.36 3.35
CA VAL B 151 -28.22 22.10 2.84
C VAL B 151 -29.48 21.68 3.60
N ILE B 152 -29.54 21.96 4.91
CA ILE B 152 -30.77 21.66 5.65
C ILE B 152 -31.91 22.54 5.15
N SER B 153 -31.62 23.78 4.75
CA SER B 153 -32.63 24.63 4.14
C SER B 153 -33.18 23.99 2.87
N GLN B 154 -32.29 23.55 1.98
CA GLN B 154 -32.72 22.88 0.76
C GLN B 154 -33.50 21.61 1.09
N TYR B 155 -32.95 20.78 1.99
CA TYR B 155 -33.67 19.60 2.46
C TYR B 155 -35.07 19.95 2.93
N LEU B 156 -35.18 20.99 3.76
CA LEU B 156 -36.48 21.40 4.28
C LEU B 156 -37.47 21.71 3.16
N GLN B 157 -37.07 22.58 2.23
CA GLN B 157 -37.98 23.07 1.20
C GLN B 157 -38.17 22.05 0.09
N SER B 158 -37.07 21.50 -0.43
CA SER B 158 -37.17 20.63 -1.61
C SER B 158 -38.04 19.42 -1.34
N THR B 159 -37.97 18.86 -0.13
CA THR B 159 -38.75 17.70 0.23
C THR B 159 -40.08 18.05 0.91
N HIS B 160 -40.54 19.30 0.77
CA HIS B 160 -41.89 19.63 1.19
C HIS B 160 -42.87 19.03 0.19
N ALA B 161 -43.70 18.11 0.65
CA ALA B 161 -44.53 17.33 -0.25
C ALA B 161 -45.54 18.22 -0.96
N PRO B 162 -45.89 17.89 -2.21
CA PRO B 162 -46.90 18.69 -2.92
C PRO B 162 -48.30 18.50 -2.38
N THR B 163 -48.56 17.42 -1.65
CA THR B 163 -49.89 17.14 -1.12
C THR B 163 -50.06 17.57 0.33
N HIS B 164 -49.01 18.07 0.97
CA HIS B 164 -49.12 18.71 2.28
C HIS B 164 -49.16 20.22 2.12
N SER B 165 -50.18 20.68 1.40
CA SER B 165 -50.27 22.05 0.90
C SER B 165 -51.08 22.96 1.81
N ASP B 166 -51.35 22.55 3.04
CA ASP B 166 -52.12 23.38 3.96
C ASP B 166 -51.26 24.40 4.70
N TYR B 167 -49.96 24.44 4.42
CA TYR B 167 -49.06 25.37 5.09
C TYR B 167 -47.73 25.38 4.33
N THR B 168 -46.81 26.21 4.81
CA THR B 168 -45.41 26.17 4.41
C THR B 168 -44.57 26.27 5.69
N MET B 169 -43.26 26.20 5.52
CA MET B 169 -42.34 26.16 6.66
C MET B 169 -41.23 27.18 6.48
N THR B 170 -40.79 27.74 7.60
CA THR B 170 -39.75 28.77 7.61
C THR B 170 -38.81 28.50 8.77
N LEU B 171 -37.54 28.29 8.46
CA LEU B 171 -36.54 27.88 9.44
C LEU B 171 -36.16 29.07 10.31
N LEU B 172 -36.61 29.05 11.57
CA LEU B 172 -36.24 30.13 12.50
C LEU B 172 -34.81 29.99 12.99
N ASP B 173 -34.39 28.78 13.37
CA ASP B 173 -33.00 28.60 13.78
C ASP B 173 -32.63 27.12 13.74
N LEU B 174 -31.32 26.88 13.80
CA LEU B 174 -30.73 25.56 13.61
C LEU B 174 -29.77 25.27 14.75
N PHE B 175 -29.88 24.07 15.32
CA PHE B 175 -29.01 23.63 16.40
C PHE B 175 -28.47 22.25 16.13
N GLU B 176 -27.17 22.06 16.36
CA GLU B 176 -26.58 20.74 16.40
C GLU B 176 -27.02 20.02 17.67
N VAL B 177 -26.94 18.70 17.64
CA VAL B 177 -27.38 17.85 18.75
C VAL B 177 -26.31 16.81 19.02
N GLU B 178 -25.83 16.76 20.27
CA GLU B 178 -24.87 15.76 20.70
C GLU B 178 -25.38 15.17 22.02
N LYS B 179 -26.09 14.05 21.90
CA LYS B 179 -26.64 13.35 23.06
C LYS B 179 -25.63 12.34 23.58
N ASP B 180 -25.55 12.24 24.91
CA ASP B 180 -24.62 11.30 25.53
C ASP B 180 -25.01 9.87 25.17
N GLY B 181 -24.03 9.13 24.63
CA GLY B 181 -24.17 7.72 24.34
C GLY B 181 -24.36 7.41 22.86
N GLU B 182 -24.87 8.36 22.07
CA GLU B 182 -25.17 8.07 20.68
C GLU B 182 -23.90 7.85 19.86
N LYS B 183 -22.95 8.79 19.94
CA LYS B 183 -21.70 8.65 19.18
C LYS B 183 -20.94 7.39 19.60
N GLU B 184 -21.11 6.96 20.85
CA GLU B 184 -20.38 5.81 21.38
C GLU B 184 -21.02 4.47 21.04
N ALA B 185 -22.29 4.46 20.62
CA ALA B 185 -22.98 3.22 20.31
C ALA B 185 -23.57 3.18 18.90
N PHE B 186 -23.38 4.23 18.11
CA PHE B 186 -23.98 4.29 16.78
C PHE B 186 -23.21 3.39 15.82
N ARG B 187 -23.96 2.74 14.92
CA ARG B 187 -23.39 1.79 13.95
C ARG B 187 -22.90 2.55 12.72
N GLU B 188 -21.69 3.11 12.84
CA GLU B 188 -21.15 3.89 11.73
C GLU B 188 -20.51 3.01 10.66
N ASP B 189 -20.40 1.71 10.88
CA ASP B 189 -19.95 0.82 9.82
C ASP B 189 -21.05 0.48 8.83
N LEU B 190 -22.31 0.64 9.24
CA LEU B 190 -23.43 0.27 8.39
C LEU B 190 -23.47 1.14 7.14
N HIS B 191 -23.98 0.56 6.06
CA HIS B 191 -24.23 1.33 4.85
C HIS B 191 -25.63 1.94 4.95
N ASN B 192 -26.02 2.67 3.90
CA ASN B 192 -27.31 3.37 3.86
C ASN B 192 -27.49 4.28 5.08
N ARG B 193 -26.46 5.06 5.38
CA ARG B 193 -26.55 6.07 6.42
C ARG B 193 -27.18 7.33 5.83
N MET B 194 -28.38 7.66 6.29
CA MET B 194 -29.17 8.75 5.71
C MET B 194 -29.58 9.74 6.78
N LEU B 195 -29.55 11.02 6.43
CA LEU B 195 -30.06 12.07 7.31
C LEU B 195 -31.55 12.21 7.06
N LEU B 196 -32.36 11.76 8.01
CA LEU B 196 -33.80 11.65 7.84
C LEU B 196 -34.52 12.54 8.84
N TRP B 197 -35.79 12.80 8.55
CA TRP B 197 -36.62 13.70 9.34
C TRP B 197 -37.38 12.93 10.41
N HIS B 198 -37.58 13.58 11.56
CA HIS B 198 -38.52 13.11 12.56
C HIS B 198 -39.14 14.30 13.28
N GLY B 199 -40.46 14.39 13.25
CA GLY B 199 -41.17 15.43 13.97
C GLY B 199 -41.99 14.87 15.09
N SER B 200 -42.27 15.68 16.11
CA SER B 200 -43.02 15.22 17.25
C SER B 200 -43.72 16.43 17.89
N ARG B 201 -44.72 16.14 18.71
CA ARG B 201 -45.37 17.19 19.48
C ARG B 201 -44.33 17.94 20.32
N MET B 202 -44.59 19.22 20.58
CA MET B 202 -43.63 20.04 21.30
C MET B 202 -43.34 19.50 22.69
N SER B 203 -44.31 18.82 23.30
CA SER B 203 -44.15 18.33 24.67
C SER B 203 -43.13 17.20 24.77
N ASN B 204 -42.93 16.45 23.69
CA ASN B 204 -42.07 15.27 23.74
C ASN B 204 -40.58 15.58 23.64
N TRP B 205 -40.21 16.82 23.29
CA TRP B 205 -38.83 17.07 22.87
C TRP B 205 -37.85 16.95 24.03
N VAL B 206 -38.24 17.39 25.22
CA VAL B 206 -37.38 17.21 26.39
C VAL B 206 -37.07 15.72 26.59
N GLY B 207 -38.11 14.89 26.56
CA GLY B 207 -37.88 13.45 26.66
C GLY B 207 -37.18 12.89 25.43
N ILE B 208 -37.44 13.47 24.27
CA ILE B 208 -36.74 13.03 23.05
C ILE B 208 -35.28 13.45 23.09
N LEU B 209 -34.98 14.63 23.65
CA LEU B 209 -33.60 15.08 23.70
C LEU B 209 -32.86 14.64 24.95
N SER B 210 -33.58 14.28 26.03
CA SER B 210 -32.90 13.75 27.21
C SER B 210 -32.83 12.24 27.20
N HIS B 211 -33.89 11.57 26.73
CA HIS B 211 -33.96 10.11 26.71
C HIS B 211 -33.78 9.54 25.31
N GLY B 212 -33.51 10.37 24.30
CA GLY B 212 -33.34 9.89 22.95
C GLY B 212 -34.62 9.36 22.34
N LEU B 213 -34.59 9.02 21.05
CA LEU B 213 -35.72 8.33 20.44
C LEU B 213 -35.74 6.89 20.92
N ARG B 214 -36.90 6.43 21.37
CA ARG B 214 -36.99 5.18 22.09
C ARG B 214 -37.84 4.15 21.36
N ILE B 215 -37.84 2.94 21.89
CA ILE B 215 -38.60 1.81 21.36
C ILE B 215 -39.88 1.72 22.18
N ALA B 216 -41.01 1.54 21.49
CA ALA B 216 -42.30 1.51 22.16
C ALA B 216 -42.31 0.46 23.27
N PRO B 217 -43.00 0.70 24.38
CA PRO B 217 -42.89 -0.18 25.55
C PRO B 217 -43.44 -1.57 25.23
N PRO B 218 -43.07 -2.58 26.02
CA PRO B 218 -43.59 -3.93 25.75
C PRO B 218 -45.07 -4.08 26.03
N GLU B 219 -45.64 -3.26 26.91
CA GLU B 219 -47.06 -3.32 27.22
C GLU B 219 -47.93 -2.69 26.14
N ALA B 220 -47.33 -2.06 25.11
CA ALA B 220 -48.12 -1.36 24.10
C ALA B 220 -48.72 -2.33 23.10
N PRO B 221 -49.87 -2.00 22.52
CA PRO B 221 -50.47 -2.86 21.50
C PRO B 221 -49.76 -2.71 20.16
N ILE B 222 -49.33 -3.83 19.58
CA ILE B 222 -48.55 -3.79 18.36
C ILE B 222 -49.37 -3.34 17.15
N THR B 223 -50.70 -3.51 17.19
CA THR B 223 -51.53 -3.09 16.06
C THR B 223 -51.69 -1.58 15.96
N GLY B 224 -51.14 -0.83 16.91
CA GLY B 224 -51.06 0.61 16.78
C GLY B 224 -49.89 1.11 15.98
N TYR B 225 -48.91 0.24 15.71
CA TYR B 225 -47.71 0.59 14.96
C TYR B 225 -47.75 -0.13 13.62
N MET B 226 -47.76 0.65 12.54
CA MET B 226 -47.99 0.09 11.21
C MET B 226 -46.89 -0.87 10.79
N PHE B 227 -45.65 -0.61 11.21
CA PHE B 227 -44.49 -1.38 10.79
C PHE B 227 -43.70 -1.87 12.00
N GLY B 228 -44.39 -2.18 13.09
CA GLY B 228 -43.74 -2.70 14.28
C GLY B 228 -43.33 -1.61 15.24
N LYS B 229 -42.84 -2.04 16.40
CA LYS B 229 -42.43 -1.12 17.46
C LYS B 229 -40.98 -0.72 17.22
N GLY B 230 -40.81 0.38 16.50
CA GLY B 230 -39.48 0.89 16.20
C GLY B 230 -39.39 2.40 16.24
N ILE B 231 -38.35 2.96 15.62
CA ILE B 231 -38.18 4.41 15.49
C ILE B 231 -38.39 4.76 14.03
N TYR B 232 -39.29 5.71 13.78
CA TYR B 232 -39.80 6.00 12.43
C TYR B 232 -39.17 7.27 11.89
N PHE B 233 -38.91 7.28 10.59
CA PHE B 233 -38.28 8.42 9.92
C PHE B 233 -38.92 8.63 8.56
N ALA B 234 -38.69 9.82 8.00
CA ALA B 234 -39.21 10.19 6.70
C ALA B 234 -38.17 11.00 5.95
N ASP B 235 -38.21 10.92 4.62
CA ASP B 235 -37.32 11.69 3.76
C ASP B 235 -38.00 12.93 3.19
N MET B 236 -39.24 13.20 3.60
CA MET B 236 -39.98 14.38 3.17
C MET B 236 -40.29 15.21 4.41
N SER B 237 -39.75 16.44 4.45
CA SER B 237 -39.83 17.27 5.65
C SER B 237 -41.27 17.53 6.06
N SER B 238 -42.19 17.61 5.10
CA SER B 238 -43.58 17.91 5.43
C SER B 238 -44.26 16.73 6.08
N LYS B 239 -43.92 15.50 5.67
CA LYS B 239 -44.50 14.32 6.30
C LYS B 239 -44.18 14.27 7.78
N SER B 240 -42.93 14.54 8.15
CA SER B 240 -42.55 14.52 9.56
C SER B 240 -43.02 15.78 10.29
N ALA B 241 -43.17 16.90 9.59
CA ALA B 241 -43.69 18.10 10.23
C ALA B 241 -45.15 17.97 10.57
N ASN B 242 -45.89 17.14 9.83
CA ASN B 242 -47.29 16.90 10.16
C ASN B 242 -47.43 16.27 11.54
N TYR B 243 -46.39 15.56 11.99
CA TYR B 243 -46.42 14.90 13.30
C TYR B 243 -46.05 15.85 14.44
N CYS B 244 -45.59 17.06 14.14
CA CYS B 244 -45.48 18.07 15.19
C CYS B 244 -46.85 18.46 15.71
N PHE B 245 -47.87 18.34 14.86
CA PHE B 245 -49.24 18.74 15.18
C PHE B 245 -49.29 20.18 15.67
N ALA B 246 -48.87 21.09 14.78
CA ALA B 246 -49.00 22.52 15.03
C ALA B 246 -50.33 23.02 14.50
N SER B 247 -50.81 24.11 15.09
CA SER B 247 -52.08 24.71 14.74
C SER B 247 -51.85 26.10 14.17
N ARG B 248 -52.93 26.70 13.67
CA ARG B 248 -52.85 28.09 13.21
C ARG B 248 -52.38 29.01 14.33
N LEU B 249 -52.78 28.71 15.56
CA LEU B 249 -52.40 29.54 16.71
C LEU B 249 -50.95 29.27 17.10
N LYS B 250 -50.67 28.10 17.67
CA LYS B 250 -49.31 27.69 17.97
C LYS B 250 -48.72 27.08 16.71
N ASN B 251 -48.10 27.94 15.89
CA ASN B 251 -47.57 27.55 14.60
C ASN B 251 -46.06 27.35 14.61
N THR B 252 -45.47 27.18 15.78
CA THR B 252 -44.04 26.91 15.90
C THR B 252 -43.84 25.43 16.21
N GLY B 253 -43.18 24.72 15.29
CA GLY B 253 -42.89 23.32 15.46
C GLY B 253 -41.38 23.08 15.51
N LEU B 254 -41.02 21.85 15.86
CA LEU B 254 -39.64 21.41 15.88
C LEU B 254 -39.47 20.22 14.95
N LEU B 255 -38.37 20.21 14.21
CA LEU B 255 -38.02 19.08 13.36
C LEU B 255 -36.61 18.64 13.68
N LEU B 256 -36.42 17.32 13.82
CA LEU B 256 -35.14 16.75 14.22
C LEU B 256 -34.58 15.92 13.06
N LEU B 257 -33.36 16.24 12.65
CA LEU B 257 -32.64 15.48 11.64
C LEU B 257 -31.64 14.56 12.34
N SER B 258 -31.82 13.25 12.16
CA SER B 258 -30.97 12.26 12.79
C SER B 258 -30.26 11.43 11.72
N GLU B 259 -29.00 11.09 11.99
CA GLU B 259 -28.27 10.17 11.14
C GLU B 259 -28.80 8.76 11.37
N VAL B 260 -29.43 8.18 10.37
CA VAL B 260 -30.10 6.88 10.48
C VAL B 260 -29.32 5.87 9.65
N ALA B 261 -28.74 4.87 10.34
CA ALA B 261 -27.98 3.83 9.66
C ALA B 261 -28.97 2.71 9.31
N LEU B 262 -29.40 2.69 8.06
CA LEU B 262 -30.44 1.75 7.62
C LEU B 262 -29.87 0.40 7.20
N GLY B 263 -28.72 0.40 6.54
CA GLY B 263 -28.20 -0.85 6.01
C GLY B 263 -29.14 -1.41 4.97
N GLN B 264 -29.27 -2.74 4.95
CA GLN B 264 -30.21 -3.39 4.05
C GLN B 264 -31.64 -3.11 4.51
N CYS B 265 -32.49 -2.69 3.57
CA CYS B 265 -33.89 -2.44 3.87
C CYS B 265 -34.75 -3.60 3.38
N ASN B 266 -35.74 -3.97 4.19
CA ASN B 266 -36.78 -4.89 3.75
C ASN B 266 -37.95 -4.01 3.29
N GLU B 267 -37.93 -3.66 2.00
CA GLU B 267 -38.94 -2.76 1.46
C GLU B 267 -40.32 -3.41 1.52
N LEU B 268 -41.32 -2.62 1.92
CA LEU B 268 -42.68 -3.11 2.04
C LEU B 268 -43.66 -2.15 1.39
N LEU B 269 -44.68 -2.71 0.73
CA LEU B 269 -45.71 -1.88 0.12
C LEU B 269 -46.80 -1.54 1.11
N GLU B 270 -47.24 -2.53 1.88
CA GLU B 270 -48.31 -2.38 2.85
C GLU B 270 -47.77 -2.49 4.26
N ALA B 271 -48.59 -2.04 5.21
CA ALA B 271 -48.20 -2.08 6.61
C ALA B 271 -48.18 -3.51 7.12
N ASN B 272 -47.36 -3.74 8.14
CA ASN B 272 -47.29 -5.02 8.82
C ASN B 272 -46.71 -4.81 10.21
N PRO B 273 -47.55 -4.81 11.25
CA PRO B 273 -47.03 -4.59 12.61
C PRO B 273 -46.02 -5.64 13.04
N LYS B 274 -45.92 -6.77 12.34
CA LYS B 274 -44.93 -7.79 12.61
C LYS B 274 -43.73 -7.68 11.67
N ALA B 275 -43.44 -6.47 11.19
CA ALA B 275 -42.39 -6.27 10.20
C ALA B 275 -41.00 -6.52 10.76
N GLU B 276 -40.83 -6.50 12.10
CA GLU B 276 -39.50 -6.74 12.66
C GLU B 276 -39.05 -8.17 12.40
N GLY B 277 -39.96 -9.14 12.51
CA GLY B 277 -39.62 -10.52 12.20
C GLY B 277 -39.31 -10.71 10.73
N LEU B 278 -39.92 -9.90 9.86
CA LEU B 278 -39.64 -9.96 8.43
C LEU B 278 -38.23 -9.50 8.08
N LEU B 279 -37.48 -8.96 9.05
CA LEU B 279 -36.13 -8.50 8.78
C LEU B 279 -35.25 -9.65 8.28
N GLN B 280 -35.03 -10.64 9.14
CA GLN B 280 -34.30 -11.86 8.80
C GLN B 280 -32.99 -11.56 8.10
N GLY B 281 -32.07 -10.99 8.88
CA GLY B 281 -30.76 -10.64 8.37
C GLY B 281 -30.62 -9.17 8.06
N LYS B 282 -31.66 -8.57 7.48
CA LYS B 282 -31.64 -7.17 7.12
C LYS B 282 -31.64 -6.30 8.38
N HIS B 283 -31.54 -4.99 8.18
CA HIS B 283 -31.31 -4.07 9.29
C HIS B 283 -32.36 -2.98 9.43
N SER B 284 -33.34 -2.91 8.54
CA SER B 284 -34.36 -1.86 8.60
C SER B 284 -35.52 -2.23 7.70
N THR B 285 -36.66 -1.60 7.95
CA THR B 285 -37.86 -1.75 7.14
C THR B 285 -38.16 -0.42 6.47
N LYS B 286 -38.45 -0.45 5.17
CA LYS B 286 -38.78 0.74 4.41
C LYS B 286 -40.17 0.57 3.81
N GLY B 287 -41.13 1.35 4.30
CA GLY B 287 -42.42 1.46 3.61
C GLY B 287 -42.25 2.26 2.33
N LEU B 288 -42.64 1.65 1.21
CA LEU B 288 -42.41 2.26 -0.10
C LEU B 288 -43.50 3.28 -0.42
N GLY B 289 -43.08 4.42 -0.96
CA GLY B 289 -44.00 5.49 -1.30
C GLY B 289 -44.16 5.67 -2.80
N LYS B 290 -45.18 6.43 -3.17
CA LYS B 290 -45.37 6.82 -4.56
C LYS B 290 -44.42 7.93 -4.95
N MET B 291 -44.18 8.87 -4.03
CA MET B 291 -43.35 10.04 -4.29
C MET B 291 -42.22 10.07 -3.27
N ALA B 292 -40.99 10.21 -3.77
CA ALA B 292 -39.81 10.21 -2.91
C ALA B 292 -38.72 11.02 -3.58
N PRO B 293 -37.78 11.58 -2.82
CA PRO B 293 -36.76 12.47 -3.41
C PRO B 293 -35.91 11.75 -4.45
N SER B 294 -35.59 12.48 -5.52
CA SER B 294 -34.82 11.92 -6.62
C SER B 294 -33.37 11.74 -6.22
N SER B 295 -32.80 10.59 -6.59
CA SER B 295 -31.43 10.26 -6.24
C SER B 295 -30.39 11.08 -6.99
N ALA B 296 -30.80 11.86 -7.99
CA ALA B 296 -29.86 12.71 -8.72
C ALA B 296 -29.46 13.93 -7.90
N HIS B 297 -30.39 14.48 -7.12
CA HIS B 297 -30.14 15.66 -6.30
C HIS B 297 -29.63 15.30 -4.91
N PHE B 298 -28.92 14.19 -4.77
CA PHE B 298 -28.43 13.76 -3.46
C PHE B 298 -27.09 14.40 -3.17
N VAL B 299 -26.80 14.58 -1.87
CA VAL B 299 -25.58 15.22 -1.43
C VAL B 299 -25.12 14.55 -0.14
N THR B 300 -23.81 14.56 0.08
CA THR B 300 -23.22 13.98 1.28
C THR B 300 -22.90 15.11 2.27
N LEU B 301 -23.53 15.05 3.44
CA LEU B 301 -23.27 15.99 4.52
C LEU B 301 -22.58 15.26 5.67
N ASN B 302 -21.29 15.55 5.85
CA ASN B 302 -20.51 15.02 6.97
C ASN B 302 -20.66 13.50 7.08
N GLY B 303 -20.71 12.83 5.94
CA GLY B 303 -20.65 11.38 5.87
C GLY B 303 -21.95 10.70 5.51
N SER B 304 -23.09 11.36 5.73
CA SER B 304 -24.39 10.75 5.48
C SER B 304 -24.99 11.30 4.19
N THR B 305 -25.95 10.55 3.66
CA THR B 305 -26.66 10.94 2.44
C THR B 305 -27.86 11.80 2.82
N VAL B 306 -28.03 12.91 2.11
CA VAL B 306 -29.15 13.82 2.33
C VAL B 306 -30.13 13.64 1.18
N PRO B 307 -31.19 12.84 1.34
CA PRO B 307 -32.14 12.63 0.23
C PRO B 307 -32.84 13.92 -0.16
N LEU B 308 -32.14 14.75 -0.92
CA LEU B 308 -32.60 16.09 -1.22
C LEU B 308 -33.12 16.18 -2.65
N GLY B 309 -33.83 17.27 -2.92
CA GLY B 309 -34.29 17.57 -4.25
C GLY B 309 -35.78 17.38 -4.41
N PRO B 310 -36.30 17.69 -5.59
CA PRO B 310 -37.73 17.49 -5.83
C PRO B 310 -38.07 16.01 -5.83
N ALA B 311 -39.23 15.69 -5.26
CA ALA B 311 -39.68 14.31 -5.20
C ALA B 311 -40.14 13.83 -6.56
N SER B 312 -39.88 12.56 -6.85
CA SER B 312 -40.22 11.96 -8.13
C SER B 312 -41.04 10.71 -7.90
N ASP B 313 -41.88 10.36 -8.89
CA ASP B 313 -42.64 9.13 -8.79
C ASP B 313 -41.69 7.95 -8.76
N THR B 314 -41.78 7.16 -7.68
CA THR B 314 -40.86 6.06 -7.45
C THR B 314 -41.14 4.84 -8.33
N GLY B 315 -42.13 4.91 -9.21
CA GLY B 315 -42.52 3.75 -9.98
C GLY B 315 -43.04 2.61 -9.14
N ILE B 316 -43.71 2.93 -8.03
CA ILE B 316 -44.16 1.94 -7.06
C ILE B 316 -45.65 2.12 -6.86
N LEU B 317 -46.43 1.08 -7.16
CA LEU B 317 -47.85 1.04 -6.87
C LEU B 317 -48.18 -0.33 -6.30
N ASN B 318 -49.26 -0.38 -5.54
CA ASN B 318 -49.59 -1.66 -4.90
C ASN B 318 -50.49 -2.47 -5.81
N PRO B 319 -50.18 -3.76 -6.03
CA PRO B 319 -51.11 -4.61 -6.79
C PRO B 319 -52.34 -5.00 -5.99
N ASP B 320 -52.25 -5.01 -4.67
CA ASP B 320 -53.37 -5.42 -3.82
C ASP B 320 -54.33 -4.28 -3.52
N GLY B 321 -53.82 -3.15 -3.03
CA GLY B 321 -54.67 -2.04 -2.66
C GLY B 321 -53.95 -0.72 -2.50
N TYR B 322 -54.04 -0.13 -1.31
CA TYR B 322 -53.51 1.20 -1.07
C TYR B 322 -51.98 1.21 -1.15
N THR B 323 -51.44 2.41 -1.36
CA THR B 323 -50.01 2.63 -1.42
C THR B 323 -49.66 3.85 -0.57
N LEU B 324 -48.52 3.79 0.10
CA LEU B 324 -48.07 4.92 0.91
C LEU B 324 -47.75 6.10 0.00
N ASN B 325 -48.29 7.27 0.34
CA ASN B 325 -48.03 8.45 -0.49
C ASN B 325 -46.55 8.83 -0.43
N TYR B 326 -45.93 8.68 0.74
CA TYR B 326 -44.52 8.99 0.93
C TYR B 326 -43.88 7.90 1.77
N ASN B 327 -42.55 7.83 1.71
CA ASN B 327 -41.81 6.75 2.33
C ASN B 327 -41.87 6.84 3.85
N GLU B 328 -41.55 5.71 4.49
CA GLU B 328 -41.30 5.64 5.92
C GLU B 328 -40.10 4.76 6.15
N TYR B 329 -39.15 5.21 6.96
CA TYR B 329 -38.00 4.42 7.34
C TYR B 329 -38.10 4.06 8.82
N ILE B 330 -37.96 2.78 9.14
CA ILE B 330 -38.11 2.29 10.50
C ILE B 330 -36.87 1.47 10.85
N VAL B 331 -36.17 1.88 11.89
CA VAL B 331 -35.15 1.05 12.53
C VAL B 331 -35.74 0.53 13.83
N TYR B 332 -35.12 -0.53 14.36
CA TYR B 332 -35.66 -1.21 15.53
C TYR B 332 -34.69 -1.23 16.71
N ASN B 333 -33.60 -0.46 16.64
CA ASN B 333 -32.64 -0.37 17.73
C ASN B 333 -32.02 1.02 17.72
N PRO B 334 -31.95 1.70 18.87
CA PRO B 334 -31.40 3.06 18.88
C PRO B 334 -29.93 3.14 18.53
N ASN B 335 -29.21 2.01 18.49
CA ASN B 335 -27.82 2.04 18.06
C ASN B 335 -27.69 2.29 16.56
N GLN B 336 -28.81 2.31 15.84
CA GLN B 336 -28.83 2.73 14.44
C GLN B 336 -29.27 4.18 14.28
N VAL B 337 -29.53 4.89 15.37
CA VAL B 337 -29.99 6.28 15.34
C VAL B 337 -28.94 7.16 16.01
N ARG B 338 -28.67 8.30 15.40
CA ARG B 338 -27.78 9.30 15.99
C ARG B 338 -28.31 10.68 15.62
N MET B 339 -28.81 11.41 16.61
CA MET B 339 -29.36 12.74 16.36
C MET B 339 -28.24 13.69 15.94
N ARG B 340 -28.61 14.66 15.11
CA ARG B 340 -27.61 15.59 14.60
C ARG B 340 -28.09 17.04 14.65
N TYR B 341 -29.26 17.32 14.09
CA TYR B 341 -29.71 18.71 13.91
C TYR B 341 -31.15 18.87 14.36
N LEU B 342 -31.41 19.96 15.07
CA LEU B 342 -32.75 20.31 15.53
C LEU B 342 -33.16 21.64 14.92
N LEU B 343 -34.40 21.73 14.45
CA LEU B 343 -34.89 22.87 13.69
C LEU B 343 -36.08 23.48 14.41
N LYS B 344 -36.03 24.80 14.65
CA LYS B 344 -37.19 25.53 15.14
C LYS B 344 -37.93 26.10 13.93
N VAL B 345 -39.07 25.51 13.61
CA VAL B 345 -39.79 25.80 12.37
C VAL B 345 -41.07 26.56 12.69
N GLN B 346 -41.42 27.49 11.82
CA GLN B 346 -42.66 28.24 11.91
C GLN B 346 -43.56 27.86 10.74
N PHE B 347 -44.83 27.61 11.03
CA PHE B 347 -45.77 27.08 10.05
C PHE B 347 -46.68 28.20 9.56
N ASN B 348 -46.74 28.38 8.25
CA ASN B 348 -47.51 29.46 7.63
C ASN B 348 -48.74 28.84 6.97
N PHE B 349 -49.85 28.81 7.72
CA PHE B 349 -50.98 27.96 7.35
C PHE B 349 -51.76 28.54 6.18
N LEU B 350 -52.34 27.62 5.40
CA LEU B 350 -53.04 27.93 4.15
C LEU B 350 -52.13 28.69 3.20
N GLU C 1 17.50 -25.45 -6.82
CA GLU C 1 18.81 -25.74 -7.39
C GLU C 1 19.83 -24.74 -6.88
N SER C 2 21.07 -24.85 -7.38
CA SER C 2 22.21 -24.02 -6.97
C SER C 2 22.52 -24.25 -5.49
N GLN C 3 23.05 -25.46 -5.25
CA GLN C 3 23.24 -25.99 -3.90
C GLN C 3 24.31 -25.25 -3.12
N LEU C 4 25.24 -24.58 -3.79
CA LEU C 4 26.29 -23.86 -3.11
C LEU C 4 25.71 -22.69 -2.32
N ASP C 5 26.47 -22.26 -1.29
CA ASP C 5 25.99 -21.25 -0.35
C ASP C 5 25.55 -19.99 -1.07
N LEU C 6 24.51 -19.35 -0.53
CA LEU C 6 23.89 -18.22 -1.22
C LEU C 6 24.82 -17.01 -1.28
N ARG C 7 25.75 -16.88 -0.34
CA ARG C 7 26.74 -15.81 -0.42
C ARG C 7 27.65 -16.01 -1.62
N VAL C 8 28.01 -17.26 -1.92
CA VAL C 8 28.89 -17.53 -3.06
C VAL C 8 28.16 -17.30 -4.37
N GLN C 9 26.87 -17.66 -4.42
CA GLN C 9 26.06 -17.34 -5.59
C GLN C 9 26.03 -15.83 -5.84
N GLU C 10 25.82 -15.05 -4.78
CA GLU C 10 25.85 -13.60 -4.89
C GLU C 10 27.19 -13.09 -5.44
N LEU C 11 28.24 -13.90 -5.34
CA LEU C 11 29.56 -13.54 -5.86
C LEU C 11 29.84 -14.15 -7.22
N ILE C 12 29.23 -15.28 -7.55
CA ILE C 12 29.41 -15.88 -8.87
C ILE C 12 28.48 -15.23 -9.90
N LYS C 13 27.29 -14.82 -9.47
CA LYS C 13 26.35 -14.08 -10.30
C LYS C 13 26.90 -12.69 -10.60
N LEU C 14 28.15 -12.46 -10.19
CA LEU C 14 28.68 -11.11 -10.09
C LEU C 14 30.00 -10.96 -10.83
N ILE C 15 30.92 -11.92 -10.64
CA ILE C 15 32.19 -11.84 -11.36
C ILE C 15 32.04 -12.35 -12.79
N CYS C 16 31.24 -13.41 -12.99
CA CYS C 16 30.98 -13.95 -14.31
C CYS C 16 29.84 -13.25 -15.02
N ASN C 17 29.52 -12.02 -14.62
CA ASN C 17 28.41 -11.28 -15.19
C ASN C 17 28.96 -10.42 -16.33
N VAL C 18 28.61 -10.79 -17.56
CA VAL C 18 29.24 -10.19 -18.74
C VAL C 18 28.72 -8.77 -18.96
N GLN C 19 27.39 -8.59 -18.85
CA GLN C 19 26.79 -7.28 -19.06
C GLN C 19 27.43 -6.23 -18.17
N ALA C 20 27.89 -6.63 -16.98
CA ALA C 20 28.67 -5.72 -16.14
C ALA C 20 29.99 -5.37 -16.83
N MET C 21 30.71 -6.39 -17.33
CA MET C 21 31.96 -6.14 -18.04
C MET C 21 31.75 -5.28 -19.28
N GLU C 22 30.67 -5.54 -20.02
CA GLU C 22 30.41 -4.77 -21.22
C GLU C 22 30.24 -3.28 -20.91
N GLU C 23 29.57 -2.97 -19.81
CA GLU C 23 29.41 -1.56 -19.43
C GLU C 23 30.71 -0.98 -18.87
N MET C 24 31.59 -1.83 -18.33
CA MET C 24 32.92 -1.36 -17.95
C MET C 24 33.73 -0.95 -19.18
N MET C 25 33.77 -1.83 -20.19
CA MET C 25 34.60 -1.56 -21.36
C MET C 25 34.00 -0.44 -22.21
N MET C 26 32.68 -0.39 -22.31
CA MET C 26 32.03 0.66 -23.08
C MET C 26 32.35 2.05 -22.54
N GLU C 27 32.79 2.14 -21.28
CA GLU C 27 33.18 3.41 -20.69
C GLU C 27 34.67 3.70 -20.84
N MET C 28 35.49 2.68 -21.05
CA MET C 28 36.90 2.88 -21.41
C MET C 28 37.07 3.28 -22.87
N LYS C 29 36.02 3.87 -23.46
CA LYS C 29 36.00 4.26 -24.87
C LYS C 29 36.22 3.07 -25.80
N TYR C 30 35.77 1.89 -25.40
CA TYR C 30 35.91 0.70 -26.22
C TYR C 30 34.63 0.43 -27.01
N ASN C 31 34.81 -0.13 -28.20
CA ASN C 31 33.70 -0.38 -29.12
C ASN C 31 33.39 -1.87 -29.11
N THR C 32 32.36 -2.25 -28.35
CA THR C 32 31.85 -3.62 -28.40
C THR C 32 30.96 -3.86 -29.61
N LYS C 33 30.73 -2.84 -30.43
CA LYS C 33 29.92 -2.97 -31.64
C LYS C 33 30.72 -3.67 -32.73
N LYS C 34 31.73 -2.98 -33.28
CA LYS C 34 32.55 -3.59 -34.31
C LYS C 34 33.35 -4.77 -33.78
N ALA C 35 33.64 -4.79 -32.48
CA ALA C 35 34.36 -5.90 -31.86
C ALA C 35 33.70 -6.26 -30.54
N PRO C 36 32.73 -7.18 -30.57
CA PRO C 36 32.09 -7.61 -29.32
C PRO C 36 33.01 -8.52 -28.51
N LEU C 37 32.64 -8.69 -27.24
CA LEU C 37 33.44 -9.56 -26.38
C LEU C 37 33.28 -11.02 -26.77
N GLY C 38 32.12 -11.38 -27.33
CA GLY C 38 31.88 -12.74 -27.74
C GLY C 38 32.72 -13.21 -28.90
N LYS C 39 33.30 -12.29 -29.66
CA LYS C 39 34.19 -12.61 -30.76
C LYS C 39 35.48 -11.81 -30.65
N LEU C 40 36.10 -11.91 -29.48
CA LEU C 40 37.35 -11.23 -29.15
C LEU C 40 38.38 -12.29 -28.78
N THR C 41 39.47 -12.34 -29.53
CA THR C 41 40.44 -13.42 -29.44
C THR C 41 41.76 -12.94 -28.85
N VAL C 42 42.54 -13.90 -28.32
CA VAL C 42 43.84 -13.57 -27.78
C VAL C 42 44.81 -13.16 -28.88
N ALA C 43 44.60 -13.65 -30.11
CA ALA C 43 45.39 -13.17 -31.23
C ALA C 43 45.19 -11.67 -31.44
N GLN C 44 43.98 -11.18 -31.13
CA GLN C 44 43.69 -9.76 -31.29
C GLN C 44 44.43 -8.92 -30.26
N ILE C 45 44.39 -9.33 -28.99
CA ILE C 45 45.04 -8.56 -27.94
C ILE C 45 46.56 -8.60 -28.09
N LYS C 46 47.10 -9.75 -28.53
CA LYS C 46 48.54 -9.85 -28.75
C LYS C 46 49.02 -8.84 -29.77
N ALA C 47 48.16 -8.48 -30.74
CA ALA C 47 48.52 -7.47 -31.73
C ALA C 47 48.49 -6.06 -31.14
N GLY C 48 47.48 -5.75 -30.34
CA GLY C 48 47.41 -4.44 -29.73
C GLY C 48 48.55 -4.17 -28.77
N TYR C 49 49.08 -5.22 -28.15
CA TYR C 49 50.28 -5.06 -27.34
C TYR C 49 51.48 -4.75 -28.21
N GLN C 50 51.50 -5.26 -29.44
CA GLN C 50 52.55 -4.89 -30.39
C GLN C 50 52.39 -3.44 -30.85
N SER C 51 51.16 -3.05 -31.21
CA SER C 51 50.90 -1.66 -31.58
C SER C 51 51.27 -0.72 -30.43
N LEU C 52 50.99 -1.13 -29.19
CA LEU C 52 51.36 -0.31 -28.06
C LEU C 52 52.87 -0.28 -27.86
N LYS C 53 53.58 -1.31 -28.34
CA LYS C 53 55.03 -1.26 -28.36
C LYS C 53 55.54 -0.18 -29.31
N LYS C 54 54.99 -0.14 -30.52
CA LYS C 54 55.37 0.90 -31.47
C LYS C 54 55.02 2.29 -30.96
N ILE C 55 53.95 2.38 -30.15
CA ILE C 55 53.59 3.67 -29.57
C ILE C 55 54.60 4.08 -28.51
N GLU C 56 55.01 3.13 -27.67
CA GLU C 56 56.10 3.39 -26.73
C GLU C 56 57.36 3.85 -27.46
N ASP C 57 57.67 3.20 -28.59
CA ASP C 57 58.82 3.60 -29.38
C ASP C 57 58.75 5.06 -29.78
N CYS C 58 57.55 5.54 -30.12
CA CYS C 58 57.39 6.95 -30.46
C CYS C 58 57.50 7.83 -29.21
N ILE C 59 56.80 7.45 -28.14
CA ILE C 59 56.87 8.22 -26.89
C ILE C 59 58.29 8.28 -26.38
N ARG C 60 59.01 7.17 -26.48
CA ARG C 60 60.41 7.13 -26.07
C ARG C 60 61.32 7.64 -27.18
N ALA C 61 60.88 8.66 -27.91
CA ALA C 61 61.66 9.19 -29.02
C ALA C 61 61.22 10.60 -29.37
N GLY C 62 60.18 11.09 -28.69
CA GLY C 62 59.67 12.43 -28.94
C GLY C 62 59.01 12.61 -30.29
N GLN C 63 58.71 11.53 -30.99
CA GLN C 63 58.06 11.59 -32.30
C GLN C 63 56.56 11.53 -32.10
N HIS C 64 55.96 12.70 -31.90
CA HIS C 64 54.51 12.80 -31.67
C HIS C 64 53.81 13.36 -32.92
N GLY C 65 53.95 12.64 -34.02
CA GLY C 65 53.40 13.13 -35.28
C GLY C 65 52.84 12.05 -36.17
N ARG C 66 53.23 12.09 -37.46
CA ARG C 66 52.72 11.13 -38.43
C ARG C 66 53.12 9.71 -38.08
N ALA C 67 54.30 9.52 -37.49
CA ALA C 67 54.66 8.21 -36.97
C ALA C 67 53.71 7.79 -35.86
N LEU C 68 53.49 8.68 -34.88
CA LEU C 68 52.55 8.38 -33.80
C LEU C 68 51.14 8.20 -34.33
N MET C 69 50.74 9.02 -35.31
CA MET C 69 49.40 8.90 -35.88
C MET C 69 49.16 7.51 -36.45
N GLU C 70 50.05 7.06 -37.34
CA GLU C 70 49.87 5.75 -37.96
C GLU C 70 49.88 4.63 -36.92
N ALA C 71 50.74 4.75 -35.90
CA ALA C 71 50.82 3.71 -34.88
C ALA C 71 49.60 3.72 -33.97
N CYS C 72 49.01 4.89 -33.74
CA CYS C 72 47.79 4.95 -32.93
C CYS C 72 46.60 4.40 -33.69
N ASN C 73 46.28 4.98 -34.86
CA ASN C 73 45.12 4.55 -35.62
C ASN C 73 45.29 3.15 -36.20
N GLU C 74 46.47 2.54 -36.09
CA GLU C 74 46.59 1.10 -36.32
C GLU C 74 46.18 0.32 -35.07
N PHE C 75 46.48 0.86 -33.89
CA PHE C 75 45.98 0.25 -32.66
C PHE C 75 44.48 0.50 -32.49
N TYR C 76 44.00 1.67 -32.94
CA TYR C 76 42.58 1.98 -32.83
C TYR C 76 41.73 1.19 -33.83
N THR C 77 42.34 0.38 -34.68
CA THR C 77 41.63 -0.55 -35.55
C THR C 77 41.72 -1.99 -35.07
N ARG C 78 42.88 -2.41 -34.55
CA ARG C 78 42.97 -3.73 -33.95
C ARG C 78 42.08 -3.83 -32.72
N ILE C 79 42.18 -2.85 -31.82
CA ILE C 79 41.27 -2.71 -30.70
C ILE C 79 40.35 -1.53 -31.00
N PRO C 80 39.17 -1.79 -31.56
CA PRO C 80 38.29 -0.69 -31.96
C PRO C 80 37.80 0.10 -30.76
N HIS C 81 38.25 1.35 -30.66
CA HIS C 81 37.73 2.24 -29.64
C HIS C 81 36.42 2.86 -30.13
N ASP C 82 35.83 3.74 -29.32
CA ASP C 82 34.56 4.34 -29.69
C ASP C 82 34.50 5.74 -29.06
N PHE C 83 35.11 6.71 -29.75
CA PHE C 83 35.01 8.10 -29.37
C PHE C 83 33.78 8.78 -29.95
N GLY C 84 32.73 8.00 -30.18
CA GLY C 84 31.51 8.49 -30.78
C GLY C 84 31.67 8.97 -32.21
N LEU C 85 32.14 10.21 -32.36
CA LEU C 85 32.20 10.89 -33.65
C LEU C 85 33.50 11.66 -33.86
N ARG C 86 34.15 12.13 -32.81
CA ARG C 86 35.33 12.95 -32.92
C ARG C 86 36.52 12.15 -33.46
N THR C 87 37.59 12.86 -33.80
CA THR C 87 38.80 12.22 -34.29
C THR C 87 39.43 11.40 -33.17
N PRO C 88 39.79 10.14 -33.43
CA PRO C 88 40.41 9.31 -32.38
C PRO C 88 41.66 9.96 -31.82
N PRO C 89 41.71 10.19 -30.50
CA PRO C 89 42.86 10.91 -29.91
C PRO C 89 44.18 10.19 -30.07
N LEU C 90 45.25 10.81 -29.59
CA LEU C 90 46.59 10.26 -29.71
C LEU C 90 47.16 10.01 -28.32
N ILE C 91 47.66 8.80 -28.10
CA ILE C 91 48.38 8.47 -26.87
C ILE C 91 49.77 9.10 -26.95
N ARG C 92 50.01 10.13 -26.15
CA ARG C 92 51.27 10.85 -26.17
C ARG C 92 52.03 10.79 -24.84
N THR C 93 51.39 10.34 -23.77
CA THR C 93 52.00 10.27 -22.45
C THR C 93 52.21 8.83 -22.04
N GLN C 94 53.26 8.59 -21.24
CA GLN C 94 53.57 7.26 -20.77
C GLN C 94 52.52 6.70 -19.83
N LYS C 95 51.60 7.55 -19.34
CA LYS C 95 50.48 7.10 -18.53
C LYS C 95 49.20 6.90 -19.32
N GLU C 96 48.98 7.68 -20.38
CA GLU C 96 47.94 7.33 -21.34
C GLU C 96 48.20 5.98 -21.98
N LEU C 97 49.47 5.65 -22.18
CA LEU C 97 49.85 4.29 -22.56
C LEU C 97 49.47 3.30 -21.47
N SER C 98 49.60 3.69 -20.21
CA SER C 98 49.26 2.79 -19.11
C SER C 98 47.78 2.47 -19.09
N GLU C 99 46.92 3.41 -19.46
CA GLU C 99 45.50 3.11 -19.58
C GLU C 99 45.27 2.07 -20.66
N LYS C 100 45.91 2.25 -21.82
CA LYS C 100 45.75 1.31 -22.92
C LYS C 100 46.27 -0.07 -22.54
N ILE C 101 47.25 -0.14 -21.64
CA ILE C 101 47.75 -1.42 -21.16
C ILE C 101 46.75 -2.06 -20.21
N GLN C 102 46.15 -1.27 -19.33
CA GLN C 102 45.09 -1.78 -18.46
C GLN C 102 43.92 -2.30 -19.27
N LEU C 103 43.55 -1.60 -20.34
CA LEU C 103 42.42 -2.00 -21.17
C LEU C 103 42.60 -3.42 -21.71
N LEU C 104 43.77 -3.70 -22.30
CA LEU C 104 44.01 -5.02 -22.87
C LEU C 104 44.11 -6.09 -21.80
N GLU C 105 44.59 -5.73 -20.61
CA GLU C 105 44.58 -6.67 -19.49
C GLU C 105 43.16 -7.10 -19.15
N ALA C 106 42.23 -6.13 -19.14
CA ALA C 106 40.83 -6.45 -18.88
C ALA C 106 40.25 -7.30 -19.99
N LEU C 107 40.47 -6.90 -21.25
CA LEU C 107 40.00 -7.69 -22.38
C LEU C 107 40.58 -9.09 -22.37
N GLY C 108 41.89 -9.21 -22.10
CA GLY C 108 42.51 -10.52 -22.00
C GLY C 108 41.93 -11.37 -20.89
N ASP C 109 41.47 -10.73 -19.81
CA ASP C 109 40.83 -11.44 -18.72
C ASP C 109 39.34 -11.66 -18.95
N ILE C 110 38.68 -10.76 -19.67
CA ILE C 110 37.27 -10.96 -19.98
C ILE C 110 37.10 -12.14 -20.93
N GLU C 111 37.96 -12.23 -21.95
CA GLU C 111 37.95 -13.39 -22.84
C GLU C 111 38.04 -14.68 -22.05
N ILE C 112 38.87 -14.70 -21.01
CA ILE C 112 38.95 -15.86 -20.13
C ILE C 112 37.61 -16.10 -19.45
N ALA C 113 36.91 -15.03 -19.08
CA ALA C 113 35.63 -15.17 -18.40
C ALA C 113 34.56 -15.74 -19.33
N ILE C 114 34.49 -15.23 -20.57
CA ILE C 114 33.44 -15.66 -21.49
C ILE C 114 33.59 -17.13 -21.81
N LYS C 115 34.82 -17.60 -21.99
CA LYS C 115 35.07 -19.03 -22.19
C LYS C 115 34.43 -19.86 -21.08
N LEU C 116 34.62 -19.43 -19.83
CA LEU C 116 34.09 -20.17 -18.70
C LEU C 116 32.57 -20.22 -18.71
N VAL C 117 31.93 -19.08 -19.03
CA VAL C 117 30.48 -19.01 -19.00
C VAL C 117 29.89 -19.89 -20.10
N LYS C 118 30.29 -19.66 -21.35
CA LYS C 118 29.74 -20.41 -22.47
C LYS C 118 30.06 -21.90 -22.38
N SER C 119 31.10 -22.27 -21.62
CA SER C 119 31.46 -23.68 -21.44
C SER C 119 30.45 -24.36 -20.51
N GLU C 120 29.18 -24.18 -20.80
CA GLU C 120 28.08 -24.60 -19.95
C GLU C 120 27.37 -25.80 -20.58
N ARG C 121 26.65 -26.54 -19.75
CA ARG C 121 25.96 -27.75 -20.20
C ARG C 121 24.45 -27.57 -20.07
N GLN C 122 23.73 -28.67 -19.81
CA GLN C 122 22.28 -28.63 -19.73
C GLN C 122 21.85 -28.23 -18.32
N GLY C 123 20.61 -28.54 -17.95
CA GLY C 123 20.07 -28.19 -16.65
C GLY C 123 20.46 -29.12 -15.52
N LEU C 124 21.31 -30.11 -15.77
CA LEU C 124 21.79 -31.02 -14.73
C LEU C 124 22.36 -30.23 -13.56
N GLU C 125 23.55 -29.69 -13.74
CA GLU C 125 24.16 -28.80 -12.77
C GLU C 125 23.69 -27.37 -13.02
N HIS C 126 23.63 -26.57 -11.95
CA HIS C 126 23.08 -25.23 -12.10
C HIS C 126 24.14 -24.29 -12.68
N PRO C 127 23.71 -23.31 -13.51
CA PRO C 127 24.68 -22.39 -14.14
C PRO C 127 25.73 -21.82 -13.19
N LEU C 128 25.31 -21.34 -12.01
CA LEU C 128 26.28 -20.77 -11.08
C LEU C 128 27.17 -21.84 -10.49
N ASP C 129 26.66 -23.07 -10.35
CA ASP C 129 27.48 -24.16 -9.83
C ASP C 129 28.51 -24.61 -10.86
N GLN C 130 28.11 -24.69 -12.13
CA GLN C 130 29.05 -25.04 -13.19
C GLN C 130 30.19 -24.05 -13.25
N HIS C 131 29.87 -22.76 -13.23
CA HIS C 131 30.89 -21.71 -13.26
C HIS C 131 31.89 -21.88 -12.12
N TYR C 132 31.38 -21.92 -10.89
CA TYR C 132 32.24 -22.06 -9.71
C TYR C 132 33.13 -23.30 -9.81
N ARG C 133 32.67 -24.35 -10.48
CA ARG C 133 33.51 -25.53 -10.66
C ARG C 133 34.56 -25.32 -11.75
N ASN C 134 34.18 -24.63 -12.85
CA ASN C 134 35.13 -24.41 -13.94
C ASN C 134 36.29 -23.51 -13.52
N LEU C 135 36.10 -22.67 -12.49
CA LEU C 135 37.22 -21.86 -11.99
C LEU C 135 38.33 -22.72 -11.43
N HIS C 136 38.00 -23.90 -10.90
CA HIS C 136 38.93 -24.73 -10.15
C HIS C 136 39.61 -23.91 -9.06
N CYS C 137 38.79 -23.16 -8.31
CA CYS C 137 39.27 -22.27 -7.26
C CYS C 137 38.23 -22.24 -6.16
N ALA C 138 38.61 -22.72 -4.97
CA ALA C 138 37.66 -22.84 -3.87
C ALA C 138 37.36 -21.48 -3.26
N LEU C 139 36.08 -21.28 -2.92
CA LEU C 139 35.58 -20.00 -2.38
C LEU C 139 34.73 -20.32 -1.16
N ARG C 140 35.34 -20.28 0.02
CA ARG C 140 34.66 -20.68 1.25
C ARG C 140 34.27 -19.45 2.05
N PRO C 141 32.98 -19.21 2.29
CA PRO C 141 32.58 -18.04 3.08
C PRO C 141 33.00 -18.19 4.53
N LEU C 142 33.19 -17.06 5.20
CA LEU C 142 33.71 -17.03 6.56
C LEU C 142 32.71 -16.37 7.50
N ASP C 143 32.93 -16.61 8.80
CA ASP C 143 32.04 -16.09 9.83
C ASP C 143 32.42 -14.66 10.18
N HIS C 144 31.43 -13.76 10.20
CA HIS C 144 31.67 -12.37 10.54
C HIS C 144 32.11 -12.17 11.98
N GLU C 145 32.20 -13.23 12.79
CA GLU C 145 32.68 -13.12 14.15
C GLU C 145 33.83 -14.10 14.41
N SER C 146 34.44 -14.62 13.35
CA SER C 146 35.58 -15.50 13.48
C SER C 146 36.85 -14.68 13.70
N TYR C 147 37.94 -15.39 14.01
CA TYR C 147 39.25 -14.75 14.03
C TYR C 147 39.55 -14.10 12.69
N GLU C 148 39.39 -14.86 11.60
CA GLU C 148 39.70 -14.38 10.26
C GLU C 148 39.03 -13.05 9.95
N PHE C 149 37.70 -12.99 10.13
CA PHE C 149 36.97 -11.78 9.78
C PHE C 149 37.36 -10.59 10.66
N LYS C 150 37.73 -10.84 11.91
CA LYS C 150 38.04 -9.74 12.81
C LYS C 150 39.46 -9.21 12.60
N VAL C 151 40.43 -10.10 12.41
CA VAL C 151 41.78 -9.60 12.13
C VAL C 151 41.81 -8.96 10.75
N ILE C 152 40.99 -9.47 9.82
CA ILE C 152 40.99 -8.93 8.46
C ILE C 152 40.33 -7.56 8.43
N SER C 153 39.41 -7.31 9.36
CA SER C 153 38.69 -6.05 9.37
C SER C 153 39.61 -4.90 9.78
N GLN C 154 40.49 -5.15 10.77
CA GLN C 154 41.39 -4.11 11.23
C GLN C 154 42.45 -3.78 10.19
N TYR C 155 42.99 -4.81 9.52
CA TYR C 155 43.96 -4.62 8.46
C TYR C 155 43.41 -3.72 7.36
N LEU C 156 42.09 -3.70 7.16
CA LEU C 156 41.46 -2.88 6.14
C LEU C 156 41.30 -1.43 6.58
N GLN C 157 41.05 -1.18 7.86
CA GLN C 157 40.80 0.17 8.36
C GLN C 157 42.03 0.80 8.98
N SER C 158 42.89 0.00 9.61
CA SER C 158 44.13 0.52 10.16
C SER C 158 45.13 0.90 9.07
N THR C 159 44.98 0.35 7.87
CA THR C 159 45.85 0.67 6.75
C THR C 159 45.11 1.41 5.63
N HIS C 160 43.91 1.90 5.89
CA HIS C 160 43.25 2.82 4.97
C HIS C 160 44.06 4.12 4.99
N ALA C 161 44.89 4.31 3.97
CA ALA C 161 45.85 5.40 3.93
C ALA C 161 45.16 6.76 4.06
N PRO C 162 45.80 7.72 4.72
CA PRO C 162 45.17 9.05 4.89
C PRO C 162 44.97 9.78 3.57
N THR C 163 45.96 9.77 2.68
CA THR C 163 45.85 10.48 1.41
C THR C 163 44.77 9.91 0.49
N HIS C 164 44.03 8.89 0.93
CA HIS C 164 42.89 8.38 0.17
C HIS C 164 41.64 8.52 1.01
N SER C 165 41.33 9.75 1.41
CA SER C 165 40.31 10.02 2.43
C SER C 165 38.94 10.32 1.85
N ASP C 166 38.78 10.31 0.53
CA ASP C 166 37.48 10.62 -0.07
C ASP C 166 36.58 9.40 -0.18
N TYR C 167 36.84 8.35 0.60
CA TYR C 167 35.96 7.20 0.67
C TYR C 167 36.41 6.29 1.80
N THR C 168 35.45 5.56 2.38
CA THR C 168 35.71 4.52 3.36
C THR C 168 35.24 3.18 2.78
N MET C 169 35.45 2.10 3.54
CA MET C 169 35.29 0.75 3.02
C MET C 169 34.54 -0.11 4.01
N THR C 170 33.45 -0.72 3.54
CA THR C 170 32.60 -1.60 4.34
C THR C 170 32.76 -3.03 3.86
N LEU C 171 33.25 -3.90 4.73
CA LEU C 171 33.43 -5.31 4.41
C LEU C 171 32.08 -6.02 4.49
N LEU C 172 31.46 -6.25 3.34
CA LEU C 172 30.20 -7.00 3.32
C LEU C 172 30.43 -8.45 3.72
N ASP C 173 31.22 -9.16 2.92
CA ASP C 173 31.44 -10.58 3.11
C ASP C 173 32.91 -10.89 2.85
N LEU C 174 33.34 -12.04 3.36
CA LEU C 174 34.72 -12.49 3.23
C LEU C 174 34.73 -13.94 2.80
N PHE C 175 35.58 -14.26 1.82
CA PHE C 175 35.65 -15.59 1.24
C PHE C 175 37.06 -16.13 1.36
N GLU C 176 37.19 -17.39 1.78
CA GLU C 176 38.49 -18.06 1.79
C GLU C 176 38.76 -18.61 0.40
N VAL C 177 39.95 -18.30 -0.13
CA VAL C 177 40.31 -18.60 -1.51
C VAL C 177 41.33 -19.73 -1.51
N GLU C 178 41.17 -20.67 -2.46
CA GLU C 178 42.04 -21.85 -2.54
C GLU C 178 42.08 -22.31 -4.01
N LYS C 179 42.97 -21.69 -4.79
CA LYS C 179 43.21 -22.16 -6.15
C LYS C 179 43.99 -23.48 -6.12
N ASP C 180 43.57 -24.41 -6.97
CA ASP C 180 44.24 -25.72 -7.06
C ASP C 180 45.64 -25.53 -7.62
N GLY C 181 46.65 -25.72 -6.77
CA GLY C 181 48.03 -25.69 -7.23
C GLY C 181 48.94 -24.79 -6.45
N GLU C 182 48.43 -23.65 -5.98
CA GLU C 182 49.28 -22.67 -5.34
C GLU C 182 49.83 -23.18 -4.01
N LYS C 183 48.99 -23.84 -3.21
CA LYS C 183 49.45 -24.40 -1.96
C LYS C 183 50.57 -25.41 -2.17
N GLU C 184 50.64 -26.01 -3.36
CA GLU C 184 51.72 -26.94 -3.68
C GLU C 184 52.96 -26.21 -4.17
N ALA C 185 52.80 -25.35 -5.18
CA ALA C 185 53.93 -24.64 -5.75
C ALA C 185 54.42 -23.49 -4.88
N PHE C 186 53.73 -23.19 -3.78
CA PHE C 186 54.12 -22.08 -2.93
C PHE C 186 55.51 -22.29 -2.34
N ARG C 187 56.33 -21.25 -2.39
CA ARG C 187 57.67 -21.29 -1.79
C ARG C 187 57.50 -21.14 -0.29
N GLU C 188 57.15 -22.25 0.37
CA GLU C 188 56.97 -22.27 1.82
C GLU C 188 58.29 -22.10 2.56
N ASP C 189 59.41 -22.13 1.86
CA ASP C 189 60.73 -21.96 2.46
C ASP C 189 61.11 -20.49 2.61
N LEU C 190 60.57 -19.61 1.78
CA LEU C 190 61.00 -18.22 1.77
C LEU C 190 60.58 -17.51 3.05
N HIS C 191 61.45 -16.65 3.54
CA HIS C 191 61.14 -15.79 4.67
C HIS C 191 60.39 -14.55 4.18
N ASN C 192 60.04 -13.67 5.12
CA ASN C 192 59.28 -12.46 4.83
C ASN C 192 57.95 -12.79 4.15
N ARG C 193 57.32 -13.87 4.58
CA ARG C 193 56.02 -14.26 4.03
C ARG C 193 54.94 -13.38 4.65
N MET C 194 54.40 -12.47 3.85
CA MET C 194 53.47 -11.45 4.32
C MET C 194 52.14 -11.56 3.58
N LEU C 195 51.09 -11.06 4.22
CA LEU C 195 49.73 -11.10 3.70
C LEU C 195 49.39 -9.70 3.19
N LEU C 196 49.69 -9.46 1.92
CA LEU C 196 49.66 -8.13 1.32
C LEU C 196 48.47 -7.97 0.38
N TRP C 197 48.09 -6.72 0.16
CA TRP C 197 46.88 -6.39 -0.57
C TRP C 197 47.10 -6.43 -2.08
N HIS C 198 46.02 -6.75 -2.79
CA HIS C 198 45.97 -6.58 -4.24
C HIS C 198 44.53 -6.30 -4.63
N GLY C 199 44.34 -5.28 -5.45
CA GLY C 199 43.02 -4.93 -5.95
C GLY C 199 43.01 -4.84 -7.46
N SER C 200 41.85 -5.13 -8.03
CA SER C 200 41.69 -5.12 -9.47
C SER C 200 40.25 -4.74 -9.81
N ARG C 201 39.97 -4.58 -11.09
CA ARG C 201 38.61 -4.35 -11.54
C ARG C 201 37.82 -5.65 -11.53
N MET C 202 36.49 -5.51 -11.56
CA MET C 202 35.60 -6.66 -11.48
C MET C 202 35.64 -7.51 -12.75
N SER C 203 36.13 -6.97 -13.86
CA SER C 203 36.25 -7.74 -15.09
C SER C 203 37.31 -8.83 -14.99
N ASN C 204 38.40 -8.56 -14.28
CA ASN C 204 39.57 -9.42 -14.28
C ASN C 204 39.49 -10.55 -13.25
N TRP C 205 38.51 -10.52 -12.36
CA TRP C 205 38.52 -11.45 -11.23
C TRP C 205 38.34 -12.90 -11.67
N VAL C 206 37.53 -13.12 -12.71
CA VAL C 206 37.35 -14.48 -13.21
C VAL C 206 38.68 -15.03 -13.73
N GLY C 207 39.39 -14.22 -14.51
CA GLY C 207 40.72 -14.63 -14.94
C GLY C 207 41.73 -14.66 -13.80
N ILE C 208 41.49 -13.90 -12.74
CA ILE C 208 42.40 -13.87 -11.61
C ILE C 208 42.22 -15.09 -10.72
N LEU C 209 40.98 -15.55 -10.55
CA LEU C 209 40.74 -16.72 -9.71
C LEU C 209 40.89 -18.04 -10.46
N SER C 210 40.70 -18.05 -11.78
CA SER C 210 40.89 -19.27 -12.54
C SER C 210 42.37 -19.49 -12.87
N HIS C 211 43.09 -18.44 -13.23
CA HIS C 211 44.48 -18.54 -13.66
C HIS C 211 45.48 -18.04 -12.63
N GLY C 212 45.04 -17.32 -11.62
CA GLY C 212 45.95 -16.73 -10.65
C GLY C 212 46.56 -15.44 -11.16
N LEU C 213 47.28 -14.77 -10.26
CA LEU C 213 48.02 -13.58 -10.65
C LEU C 213 49.21 -13.98 -11.53
N ARG C 214 49.39 -13.26 -12.63
CA ARG C 214 50.28 -13.70 -13.70
C ARG C 214 51.23 -12.58 -14.10
N ILE C 215 52.37 -12.98 -14.66
CA ILE C 215 53.33 -12.05 -15.26
C ILE C 215 52.81 -11.61 -16.61
N ALA C 216 52.90 -10.31 -16.89
CA ALA C 216 52.43 -9.71 -18.14
C ALA C 216 53.06 -10.42 -19.33
N PRO C 217 52.38 -10.45 -20.48
CA PRO C 217 52.93 -11.16 -21.65
C PRO C 217 54.21 -10.49 -22.13
N PRO C 218 55.06 -11.22 -22.86
CA PRO C 218 56.27 -10.59 -23.42
C PRO C 218 55.95 -9.46 -24.39
N GLU C 219 54.73 -9.37 -24.88
CA GLU C 219 54.33 -8.33 -25.83
C GLU C 219 53.88 -7.03 -25.14
N ALA C 220 53.82 -7.01 -23.81
CA ALA C 220 53.32 -5.83 -23.11
C ALA C 220 54.39 -4.75 -23.06
N PRO C 221 54.06 -3.51 -23.39
CA PRO C 221 55.05 -2.42 -23.28
C PRO C 221 55.44 -2.19 -21.83
N ILE C 222 56.75 -2.21 -21.58
CA ILE C 222 57.28 -2.12 -20.23
C ILE C 222 57.07 -0.74 -19.60
N THR C 223 56.57 0.23 -20.36
CA THR C 223 56.39 1.60 -19.86
C THR C 223 55.16 1.71 -18.95
N GLY C 224 54.47 0.60 -18.69
CA GLY C 224 53.35 0.63 -17.76
C GLY C 224 53.63 -0.19 -16.53
N TYR C 225 54.89 -0.59 -16.34
CA TYR C 225 55.31 -1.40 -15.21
C TYR C 225 56.54 -0.73 -14.59
N MET C 226 56.31 0.01 -13.51
CA MET C 226 57.36 0.89 -12.97
C MET C 226 58.55 0.09 -12.48
N PHE C 227 58.31 -1.09 -11.92
CA PHE C 227 59.37 -1.93 -11.34
C PHE C 227 59.58 -3.22 -12.12
N GLY C 228 59.01 -3.34 -13.30
CA GLY C 228 59.18 -4.52 -14.13
C GLY C 228 57.91 -5.34 -14.23
N LYS C 229 58.00 -6.38 -15.06
CA LYS C 229 56.87 -7.26 -15.32
C LYS C 229 56.78 -8.29 -14.20
N GLY C 230 55.98 -7.95 -13.18
CA GLY C 230 55.80 -8.85 -12.07
C GLY C 230 54.40 -8.76 -11.49
N ILE C 231 54.24 -9.21 -10.25
CA ILE C 231 52.98 -9.15 -9.53
C ILE C 231 53.15 -8.16 -8.39
N TYR C 232 52.31 -7.13 -8.36
CA TYR C 232 52.47 -6.02 -7.44
C TYR C 232 51.49 -6.15 -6.29
N PHE C 233 51.99 -5.94 -5.07
CA PHE C 233 51.19 -6.01 -3.86
C PHE C 233 51.42 -4.76 -3.03
N ALA C 234 50.54 -4.53 -2.05
CA ALA C 234 50.63 -3.36 -1.19
C ALA C 234 50.24 -3.74 0.23
N ASP C 235 50.82 -3.02 1.19
CA ASP C 235 50.50 -3.20 2.60
C ASP C 235 49.50 -2.19 3.11
N MET C 236 49.07 -1.25 2.27
CA MET C 236 48.07 -0.25 2.63
C MET C 236 46.79 -0.58 1.87
N SER C 237 45.72 -0.85 2.61
CA SER C 237 44.50 -1.40 2.00
C SER C 237 43.96 -0.52 0.90
N SER C 238 44.09 0.81 1.06
CA SER C 238 43.48 1.73 0.10
C SER C 238 44.28 1.83 -1.19
N LYS C 239 45.61 1.75 -1.09
CA LYS C 239 46.44 1.81 -2.30
C LYS C 239 46.04 0.73 -3.29
N SER C 240 45.70 -0.46 -2.80
CA SER C 240 45.19 -1.51 -3.67
C SER C 240 43.71 -1.30 -3.96
N ALA C 241 42.95 -0.80 -2.98
CA ALA C 241 41.52 -0.56 -3.19
C ALA C 241 41.28 0.51 -4.23
N ASN C 242 42.23 1.43 -4.42
CA ASN C 242 42.11 2.42 -5.49
C ASN C 242 42.27 1.78 -6.85
N TYR C 243 42.86 0.58 -6.93
CA TYR C 243 42.93 -0.15 -8.19
C TYR C 243 41.68 -0.97 -8.46
N CYS C 244 40.69 -0.92 -7.56
CA CYS C 244 39.37 -1.44 -7.88
C CYS C 244 38.69 -0.58 -8.94
N PHE C 245 38.99 0.72 -8.96
CA PHE C 245 38.42 1.67 -9.92
C PHE C 245 36.89 1.68 -9.83
N ALA C 246 36.39 1.72 -8.61
CA ALA C 246 34.96 1.78 -8.37
C ALA C 246 34.49 3.23 -8.32
N SER C 247 33.23 3.43 -8.73
CA SER C 247 32.64 4.76 -8.82
C SER C 247 31.51 4.90 -7.80
N ARG C 248 30.78 6.00 -7.91
CA ARG C 248 29.60 6.19 -7.05
C ARG C 248 28.45 5.30 -7.50
N LEU C 249 28.34 5.05 -8.81
CA LEU C 249 27.38 4.09 -9.32
C LEU C 249 27.68 2.70 -8.78
N LYS C 250 28.78 2.10 -9.26
CA LYS C 250 29.19 0.77 -8.84
C LYS C 250 30.15 0.88 -7.66
N ASN C 251 29.56 1.09 -6.48
CA ASN C 251 30.31 1.27 -5.25
C ASN C 251 30.70 -0.04 -4.57
N THR C 252 30.41 -1.18 -5.20
CA THR C 252 30.79 -2.48 -4.67
C THR C 252 32.01 -3.00 -5.41
N GLY C 253 33.01 -3.47 -4.66
CA GLY C 253 34.24 -3.95 -5.25
C GLY C 253 34.77 -5.16 -4.51
N LEU C 254 35.83 -5.74 -5.09
CA LEU C 254 36.47 -6.93 -4.55
C LEU C 254 37.95 -6.66 -4.33
N LEU C 255 38.46 -7.09 -3.19
CA LEU C 255 39.85 -6.87 -2.80
C LEU C 255 40.43 -8.20 -2.35
N LEU C 256 41.61 -8.55 -2.86
CA LEU C 256 42.20 -9.85 -2.63
C LEU C 256 43.42 -9.74 -1.72
N LEU C 257 43.53 -10.67 -0.78
CA LEU C 257 44.66 -10.78 0.12
C LEU C 257 45.33 -12.13 -0.07
N SER C 258 46.64 -12.13 -0.24
CA SER C 258 47.38 -13.34 -0.57
C SER C 258 48.64 -13.44 0.28
N GLU C 259 49.07 -14.67 0.53
CA GLU C 259 50.38 -14.90 1.13
C GLU C 259 51.45 -14.72 0.06
N VAL C 260 52.35 -13.78 0.29
CA VAL C 260 53.39 -13.43 -0.67
C VAL C 260 54.74 -13.75 -0.06
N ALA C 261 55.49 -14.64 -0.71
CA ALA C 261 56.82 -15.02 -0.26
C ALA C 261 57.81 -13.96 -0.73
N LEU C 262 58.05 -12.96 0.12
CA LEU C 262 58.95 -11.87 -0.24
C LEU C 262 60.40 -12.31 -0.25
N GLY C 263 60.80 -13.19 0.67
CA GLY C 263 62.20 -13.54 0.77
C GLY C 263 63.03 -12.33 1.14
N GLN C 264 64.22 -12.26 0.57
CA GLN C 264 65.07 -11.08 0.73
C GLN C 264 64.65 -10.04 -0.30
N CYS C 265 64.08 -8.93 0.17
CA CYS C 265 63.60 -7.89 -0.70
C CYS C 265 64.74 -7.03 -1.21
N ASN C 266 64.70 -6.69 -2.51
CA ASN C 266 65.61 -5.71 -3.08
C ASN C 266 64.92 -4.36 -3.01
N GLU C 267 65.16 -3.65 -1.92
CA GLU C 267 64.51 -2.37 -1.71
C GLU C 267 64.97 -1.34 -2.73
N LEU C 268 64.02 -0.57 -3.26
CA LEU C 268 64.29 0.40 -4.30
C LEU C 268 63.52 1.68 -3.99
N LEU C 269 64.14 2.81 -4.26
CA LEU C 269 63.53 4.13 -4.06
C LEU C 269 63.02 4.75 -5.35
N GLU C 270 63.67 4.45 -6.46
CA GLU C 270 63.27 4.93 -7.78
C GLU C 270 62.23 4.00 -8.39
N ALA C 271 62.33 3.77 -9.70
CA ALA C 271 61.46 2.81 -10.37
C ALA C 271 62.12 2.44 -11.70
N ASN C 272 62.94 1.39 -11.67
CA ASN C 272 63.64 0.95 -12.86
C ASN C 272 62.92 -0.26 -13.45
N PRO C 273 62.29 -0.15 -14.62
CA PRO C 273 61.51 -1.27 -15.15
C PRO C 273 62.32 -2.53 -15.42
N LYS C 274 63.64 -2.47 -15.30
CA LYS C 274 64.49 -3.67 -15.36
C LYS C 274 64.92 -4.11 -13.96
N ALA C 275 64.07 -3.84 -12.96
CA ALA C 275 64.44 -4.12 -11.57
C ALA C 275 64.58 -5.61 -11.32
N GLU C 276 63.92 -6.45 -12.14
CA GLU C 276 64.13 -7.88 -12.01
C GLU C 276 65.58 -8.27 -12.26
N GLY C 277 66.33 -7.46 -13.00
CA GLY C 277 67.76 -7.64 -13.17
C GLY C 277 68.59 -7.12 -12.03
N LEU C 278 67.96 -6.68 -10.95
CA LEU C 278 68.65 -6.25 -9.75
C LEU C 278 68.55 -7.26 -8.62
N LEU C 279 67.76 -8.33 -8.80
CA LEU C 279 67.57 -9.30 -7.73
C LEU C 279 68.87 -10.00 -7.38
N GLN C 280 69.73 -10.25 -8.37
CA GLN C 280 71.08 -10.80 -8.19
C GLN C 280 71.14 -11.93 -7.16
N GLY C 281 70.02 -12.63 -6.96
CA GLY C 281 69.89 -13.60 -5.90
C GLY C 281 68.80 -13.29 -4.90
N LYS C 282 68.23 -12.09 -4.94
CA LYS C 282 67.12 -11.74 -4.06
C LYS C 282 65.88 -12.55 -4.45
N HIS C 283 64.74 -12.20 -3.87
CA HIS C 283 63.50 -12.88 -4.17
C HIS C 283 62.33 -11.94 -4.44
N SER C 284 62.49 -10.63 -4.24
CA SER C 284 61.43 -9.68 -4.51
C SER C 284 62.05 -8.28 -4.59
N THR C 285 61.23 -7.32 -5.00
CA THR C 285 61.61 -5.92 -5.07
C THR C 285 60.68 -5.11 -4.19
N LYS C 286 61.25 -4.26 -3.35
CA LYS C 286 60.49 -3.45 -2.40
C LYS C 286 60.54 -2.00 -2.85
N GLY C 287 59.40 -1.45 -3.23
CA GLY C 287 59.30 -0.02 -3.49
C GLY C 287 59.09 0.72 -2.18
N LEU C 288 60.05 1.57 -1.82
CA LEU C 288 60.03 2.20 -0.50
C LEU C 288 59.12 3.41 -0.49
N GLY C 289 58.24 3.49 0.52
CA GLY C 289 57.23 4.52 0.59
C GLY C 289 57.44 5.50 1.73
N LYS C 290 56.70 6.62 1.64
CA LYS C 290 56.76 7.64 2.68
C LYS C 290 56.21 7.11 4.00
N MET C 291 55.12 6.36 3.93
CA MET C 291 54.41 5.84 5.10
C MET C 291 54.30 4.32 5.00
N ALA C 292 54.12 3.70 6.16
CA ALA C 292 54.09 2.25 6.23
C ALA C 292 53.57 1.79 7.59
N PRO C 293 52.87 0.66 7.66
CA PRO C 293 52.63 0.03 8.96
C PRO C 293 53.95 -0.25 9.66
N SER C 294 53.92 -0.20 10.99
CA SER C 294 55.14 -0.35 11.76
C SER C 294 55.36 -1.82 12.12
N SER C 295 56.63 -2.15 12.38
CA SER C 295 57.00 -3.52 12.73
C SER C 295 56.55 -3.90 14.13
N ALA C 296 56.06 -2.95 14.94
CA ALA C 296 55.60 -3.22 16.29
C ALA C 296 54.10 -3.49 16.37
N HIS C 297 53.42 -3.52 15.22
CA HIS C 297 51.99 -3.78 15.19
C HIS C 297 51.64 -5.05 14.41
N PHE C 298 52.64 -5.81 13.96
CA PHE C 298 52.40 -6.97 13.13
C PHE C 298 51.68 -8.07 13.90
N VAL C 299 50.99 -8.93 13.16
CA VAL C 299 50.30 -10.08 13.73
C VAL C 299 50.50 -11.28 12.82
N THR C 300 49.66 -12.31 12.98
CA THR C 300 49.83 -13.56 12.26
C THR C 300 48.47 -14.07 11.80
N LEU C 301 48.45 -14.66 10.59
CA LEU C 301 47.23 -15.30 10.07
C LEU C 301 47.65 -16.57 9.32
N ASN C 302 47.74 -17.68 10.07
CA ASN C 302 48.03 -19.00 9.51
C ASN C 302 49.45 -19.08 8.96
N GLY C 303 50.41 -18.51 9.69
CA GLY C 303 51.81 -18.56 9.32
C GLY C 303 52.35 -17.35 8.60
N SER C 304 51.52 -16.35 8.33
CA SER C 304 51.91 -15.17 7.57
C SER C 304 51.87 -13.94 8.46
N THR C 305 52.85 -13.05 8.27
CA THR C 305 52.86 -11.77 8.97
C THR C 305 51.83 -10.84 8.35
N VAL C 306 51.02 -10.21 9.18
CA VAL C 306 49.99 -9.27 8.74
C VAL C 306 50.44 -7.86 9.15
N PRO C 307 50.65 -6.95 8.19
CA PRO C 307 51.13 -5.58 8.50
C PRO C 307 50.01 -4.68 9.04
N LEU C 308 49.51 -5.01 10.22
CA LEU C 308 48.44 -4.27 10.83
C LEU C 308 49.02 -3.07 11.57
N GLY C 309 48.16 -2.23 12.14
CA GLY C 309 48.59 -1.16 13.01
C GLY C 309 48.70 0.18 12.31
N PRO C 310 48.64 1.26 13.09
CA PRO C 310 48.74 2.59 12.50
C PRO C 310 50.01 2.74 11.65
N ALA C 311 49.83 3.26 10.43
CA ALA C 311 50.96 3.52 9.56
C ALA C 311 51.71 4.76 10.05
N SER C 312 53.03 4.64 10.14
CA SER C 312 53.87 5.69 10.67
C SER C 312 54.51 6.48 9.53
N ASP C 313 55.62 7.16 9.83
CA ASP C 313 56.49 7.76 8.82
C ASP C 313 57.76 6.94 8.73
N THR C 314 58.27 6.75 7.52
CA THR C 314 59.41 5.88 7.30
C THR C 314 60.75 6.61 7.23
N GLY C 315 60.75 7.88 6.83
CA GLY C 315 61.98 8.64 6.70
C GLY C 315 62.55 8.69 5.30
N ILE C 316 62.04 7.87 4.38
CA ILE C 316 62.42 7.94 2.97
C ILE C 316 61.68 9.12 2.34
N LEU C 317 62.42 9.94 1.58
CA LEU C 317 61.82 11.09 0.91
C LEU C 317 62.70 11.53 -0.25
N ASN C 318 62.08 12.31 -1.16
CA ASN C 318 62.52 12.72 -2.50
C ASN C 318 64.03 12.60 -2.71
N PRO C 319 64.50 11.41 -3.11
CA PRO C 319 65.94 11.20 -3.30
C PRO C 319 66.35 11.26 -4.77
N ASP C 320 65.97 10.24 -5.54
CA ASP C 320 66.17 10.28 -6.98
C ASP C 320 65.51 11.51 -7.56
N GLY C 321 64.32 11.85 -7.06
CA GLY C 321 63.63 13.06 -7.46
C GLY C 321 62.26 13.16 -6.82
N TYR C 322 61.58 12.03 -6.72
CA TYR C 322 60.23 11.96 -6.18
C TYR C 322 60.06 10.62 -5.47
N THR C 323 59.16 10.57 -4.50
CA THR C 323 59.08 9.45 -3.57
C THR C 323 57.69 8.84 -3.57
N LEU C 324 57.64 7.50 -3.64
CA LEU C 324 56.40 6.77 -3.43
C LEU C 324 55.82 7.09 -2.05
N ASN C 325 54.53 7.39 -2.00
CA ASN C 325 53.91 7.64 -0.70
C ASN C 325 53.75 6.36 0.10
N TYR C 326 53.58 5.23 -0.57
CA TYR C 326 53.31 3.96 0.09
C TYR C 326 54.16 2.86 -0.52
N ASN C 327 54.36 1.79 0.25
CA ASN C 327 55.24 0.73 -0.20
C ASN C 327 54.66 0.00 -1.41
N GLU C 328 55.55 -0.70 -2.12
CA GLU C 328 55.18 -1.52 -3.25
C GLU C 328 55.98 -2.81 -3.16
N TYR C 329 55.29 -3.95 -3.21
CA TYR C 329 55.93 -5.25 -3.20
C TYR C 329 55.70 -5.93 -4.54
N ILE C 330 56.79 -6.29 -5.21
CA ILE C 330 56.74 -6.91 -6.53
C ILE C 330 57.39 -8.27 -6.46
N VAL C 331 56.67 -9.30 -6.90
CA VAL C 331 57.23 -10.62 -7.13
C VAL C 331 57.13 -10.92 -8.62
N TYR C 332 58.17 -11.57 -9.15
CA TYR C 332 58.24 -11.89 -10.57
C TYR C 332 57.96 -13.35 -10.85
N ASN C 333 57.38 -14.08 -9.90
CA ASN C 333 57.05 -15.47 -10.10
C ASN C 333 55.83 -15.84 -9.27
N PRO C 334 54.79 -16.43 -9.88
CA PRO C 334 53.56 -16.73 -9.12
C PRO C 334 53.74 -17.79 -8.05
N ASN C 335 54.85 -18.53 -8.03
CA ASN C 335 55.07 -19.47 -6.92
C ASN C 335 55.34 -18.77 -5.60
N GLN C 336 55.53 -17.45 -5.61
CA GLN C 336 55.64 -16.65 -4.41
C GLN C 336 54.30 -16.08 -3.95
N VAL C 337 53.20 -16.46 -4.61
CA VAL C 337 51.89 -15.92 -4.32
C VAL C 337 50.95 -17.07 -3.98
N ARG C 338 50.17 -16.88 -2.91
CA ARG C 338 49.16 -17.86 -2.49
C ARG C 338 47.91 -17.09 -2.08
N MET C 339 46.93 -17.02 -2.98
CA MET C 339 45.71 -16.27 -2.71
C MET C 339 44.91 -16.95 -1.60
N ARG C 340 44.47 -16.17 -0.62
CA ARG C 340 43.89 -16.73 0.59
C ARG C 340 42.53 -16.15 0.95
N TYR C 341 42.35 -14.84 0.87
CA TYR C 341 41.14 -14.19 1.35
C TYR C 341 40.65 -13.18 0.34
N LEU C 342 39.38 -13.28 -0.02
CA LEU C 342 38.73 -12.35 -0.96
C LEU C 342 37.68 -11.54 -0.20
N LEU C 343 37.72 -10.23 -0.36
CA LEU C 343 36.90 -9.30 0.41
C LEU C 343 35.87 -8.65 -0.49
N LYS C 344 34.59 -8.75 -0.10
CA LYS C 344 33.53 -7.99 -0.74
C LYS C 344 33.39 -6.66 -0.02
N VAL C 345 33.75 -5.58 -0.70
CA VAL C 345 33.85 -4.25 -0.09
C VAL C 345 32.78 -3.36 -0.69
N GLN C 346 32.28 -2.42 0.14
CA GLN C 346 31.42 -1.34 -0.31
C GLN C 346 32.13 -0.03 -0.05
N PHE C 347 32.30 0.77 -1.10
CA PHE C 347 32.98 2.06 -0.99
C PHE C 347 31.99 3.14 -0.58
N ASN C 348 32.42 4.01 0.32
CA ASN C 348 31.57 5.05 0.91
C ASN C 348 32.22 6.41 0.67
N PHE C 349 31.91 7.03 -0.46
CA PHE C 349 32.52 8.31 -0.81
C PHE C 349 31.88 9.44 -0.02
#